data_5COR
#
_entry.id   5COR
#
_cell.length_a   57.073
_cell.length_b   112.592
_cell.length_c   179.074
_cell.angle_alpha   90.00
_cell.angle_beta   90.00
_cell.angle_gamma   90.00
#
_symmetry.space_group_name_H-M   'P 21 21 21'
#
loop_
_entity.id
_entity.type
_entity.pdbx_description
1 polymer 'C-C motif chemokine 3'
2 non-polymer HEXANE-1,6-DIOL
3 non-polymer 'ACETATE ION'
4 water water
#
_entity_poly.entity_id   1
_entity_poly.type   'polypeptide(L)'
_entity_poly.pdbx_seq_one_letter_code
;ASLAADTPTACCFSYTSRQIPQNFIADYFETSSQCSKPGVIFLTKRSRQVCADPSEEWVQKYVSDLELSA
;
_entity_poly.pdbx_strand_id   A,B,C,D,E,F,G,H,I,J
#
loop_
_chem_comp.id
_chem_comp.type
_chem_comp.name
_chem_comp.formula
ACT non-polymer 'ACETATE ION' 'C2 H3 O2 -1'
HEZ non-polymer HEXANE-1,6-DIOL 'C6 H14 O2'
#
# COMPACT_ATOMS: atom_id res chain seq x y z
N ALA A 1 -13.70 -31.09 49.41
CA ALA A 1 -12.38 -30.75 48.88
C ALA A 1 -12.17 -31.34 47.50
N SER A 2 -11.47 -30.60 46.64
CA SER A 2 -11.17 -31.06 45.29
C SER A 2 -9.85 -31.83 45.27
N LEU A 3 -9.62 -32.57 44.18
CA LEU A 3 -8.38 -33.31 44.01
C LEU A 3 -7.25 -32.40 43.57
N ALA A 4 -7.58 -31.44 42.71
CA ALA A 4 -6.59 -30.50 42.20
C ALA A 4 -7.02 -29.06 42.48
N ALA A 5 -6.07 -28.13 42.39
CA ALA A 5 -6.35 -26.72 42.63
C ALA A 5 -6.95 -26.08 41.38
N ASP A 6 -7.65 -24.96 41.57
CA ASP A 6 -8.29 -24.28 40.45
C ASP A 6 -7.45 -23.11 39.93
N THR A 7 -6.15 -23.13 40.25
CA THR A 7 -5.21 -22.19 39.65
C THR A 7 -4.52 -22.87 38.48
N PRO A 8 -4.35 -22.15 37.36
CA PRO A 8 -3.78 -22.72 36.15
C PRO A 8 -2.37 -23.25 36.34
N THR A 9 -2.02 -24.31 35.60
CA THR A 9 -0.71 -24.93 35.73
C THR A 9 0.04 -24.89 34.40
N ALA A 10 1.35 -24.74 34.46
CA ALA A 10 2.18 -24.69 33.26
C ALA A 10 2.42 -26.09 32.71
N CYS A 11 2.15 -26.27 31.42
CA CYS A 11 2.36 -27.54 30.75
C CYS A 11 3.14 -27.36 29.45
N CYS A 12 4.07 -28.27 29.20
CA CYS A 12 4.87 -28.24 27.98
C CYS A 12 4.31 -29.21 26.94
N PHE A 13 3.92 -28.67 25.79
CA PHE A 13 3.42 -29.49 24.69
C PHE A 13 4.46 -29.59 23.57
N SER A 14 5.12 -28.47 23.29
CA SER A 14 6.21 -28.46 22.33
C SER A 14 7.49 -27.98 23.01
N TYR A 15 8.57 -28.74 22.82
CA TYR A 15 9.85 -28.38 23.40
C TYR A 15 10.68 -27.55 22.42
N THR A 16 11.80 -27.01 22.89
CA THR A 16 12.73 -26.33 22.01
C THR A 16 13.56 -27.37 21.27
N SER A 17 13.87 -27.09 20.00
CA SER A 17 14.58 -28.05 19.16
C SER A 17 16.09 -27.97 19.35
N ARG A 18 16.56 -26.83 19.84
CA ARG A 18 18.00 -26.60 20.00
C ARG A 18 18.38 -26.33 21.46
N GLN A 19 19.62 -26.69 21.79
CA GLN A 19 20.12 -26.53 23.15
C GLN A 19 20.39 -25.07 23.49
N ILE A 20 19.83 -24.60 24.59
CA ILE A 20 20.04 -23.23 25.06
C ILE A 20 21.46 -23.05 25.56
N PRO A 21 22.10 -21.94 25.18
CA PRO A 21 23.39 -21.58 25.76
C PRO A 21 23.30 -21.51 27.28
N GLN A 22 24.09 -22.33 27.96
CA GLN A 22 23.95 -22.53 29.40
C GLN A 22 24.05 -21.24 30.21
N ASN A 23 24.87 -20.29 29.75
CA ASN A 23 25.05 -19.04 30.47
C ASN A 23 23.86 -18.10 30.33
N PHE A 24 22.80 -18.56 29.67
CA PHE A 24 21.55 -17.80 29.60
C PHE A 24 20.60 -18.24 30.71
N ILE A 25 20.84 -19.44 31.24
CA ILE A 25 19.95 -20.04 32.22
C ILE A 25 20.05 -19.36 33.59
N ALA A 26 18.90 -19.02 34.15
CA ALA A 26 18.86 -18.41 35.48
C ALA A 26 18.23 -19.36 36.50
N ASP A 27 17.30 -20.20 36.03
CA ASP A 27 16.60 -21.13 36.91
C ASP A 27 15.91 -22.24 36.12
N TYR A 28 15.34 -23.20 36.83
CA TYR A 28 14.61 -24.30 36.19
C TYR A 28 13.38 -24.67 37.01
N PHE A 29 12.39 -25.27 36.35
CA PHE A 29 11.19 -25.75 37.01
C PHE A 29 10.68 -27.02 36.35
N GLU A 30 10.34 -28.02 37.16
CA GLU A 30 9.69 -29.23 36.64
C GLU A 30 8.20 -28.98 36.50
N THR A 31 7.65 -29.29 35.33
CA THR A 31 6.22 -29.13 35.11
C THR A 31 5.44 -30.16 35.90
N SER A 32 4.19 -29.83 36.24
CA SER A 32 3.36 -30.68 37.07
C SER A 32 3.16 -32.08 36.50
N SER A 33 2.93 -33.04 37.38
CA SER A 33 2.68 -34.41 36.99
C SER A 33 1.31 -34.55 36.32
N GLN A 34 0.49 -33.51 36.48
CA GLN A 34 -0.84 -33.48 35.89
C GLN A 34 -0.77 -33.31 34.38
N CYS A 35 0.34 -32.76 33.90
CA CYS A 35 0.53 -32.52 32.47
C CYS A 35 0.67 -33.83 31.71
N SER A 36 0.19 -33.84 30.47
CA SER A 36 0.26 -35.02 29.61
C SER A 36 1.70 -35.43 29.35
N LYS A 37 2.57 -34.45 29.12
CA LYS A 37 3.96 -34.71 28.84
C LYS A 37 4.86 -34.28 29.98
N PRO A 38 5.95 -35.02 30.22
CA PRO A 38 6.95 -34.56 31.18
C PRO A 38 7.67 -33.33 30.63
N GLY A 39 8.10 -32.43 31.50
CA GLY A 39 8.73 -31.21 31.02
C GLY A 39 9.53 -30.44 32.05
N VAL A 40 10.61 -29.84 31.58
CA VAL A 40 11.39 -28.93 32.40
C VAL A 40 11.35 -27.54 31.78
N ILE A 41 10.93 -26.55 32.56
CA ILE A 41 10.90 -25.17 32.11
C ILE A 41 12.15 -24.43 32.56
N PHE A 42 12.99 -24.03 31.62
CA PHE A 42 14.17 -23.26 31.94
C PHE A 42 13.84 -21.78 31.98
N LEU A 43 14.16 -21.13 33.10
CA LEU A 43 13.98 -19.70 33.21
C LEU A 43 15.23 -18.98 32.74
N THR A 44 15.06 -18.20 31.68
CA THR A 44 16.15 -17.46 31.05
C THR A 44 16.42 -16.14 31.77
N LYS A 45 17.67 -15.68 31.75
CA LYS A 45 18.07 -14.45 32.45
C LYS A 45 17.24 -13.23 32.05
N ARG A 46 16.68 -13.25 30.84
CA ARG A 46 15.78 -12.18 30.41
C ARG A 46 14.33 -12.61 30.64
N SER A 47 14.15 -13.50 31.61
CA SER A 47 12.82 -13.97 32.06
C SER A 47 12.02 -14.69 30.99
N ARG A 48 12.71 -15.27 30.01
CA ARG A 48 12.05 -16.13 29.03
C ARG A 48 11.84 -17.52 29.60
N GLN A 49 10.73 -18.15 29.24
CA GLN A 49 10.47 -19.52 29.65
C GLN A 49 10.55 -20.46 28.46
N VAL A 50 11.39 -21.47 28.57
CA VAL A 50 11.60 -22.40 27.46
C VAL A 50 11.34 -23.85 27.88
N CYS A 51 10.39 -24.50 27.19
CA CYS A 51 10.12 -25.91 27.44
C CYS A 51 11.23 -26.78 26.88
N ALA A 52 11.81 -27.62 27.73
CA ALA A 52 12.86 -28.53 27.31
C ALA A 52 12.47 -29.97 27.64
N ASP A 53 12.93 -30.91 26.81
CA ASP A 53 12.64 -32.31 27.02
C ASP A 53 13.57 -32.91 28.06
N PRO A 54 13.01 -33.37 29.19
CA PRO A 54 13.80 -33.93 30.29
C PRO A 54 14.50 -35.24 29.93
N SER A 55 14.19 -35.80 28.76
CA SER A 55 14.82 -37.02 28.31
C SER A 55 16.16 -36.72 27.65
N GLU A 56 16.32 -35.50 27.15
CA GLU A 56 17.56 -35.08 26.51
C GLU A 56 18.66 -34.88 27.56
N GLU A 57 19.90 -35.15 27.14
CA GLU A 57 21.05 -35.14 28.04
C GLU A 57 21.42 -33.76 28.55
N TRP A 58 21.37 -32.77 27.67
CA TRP A 58 21.78 -31.41 28.03
C TRP A 58 20.81 -30.77 29.02
N VAL A 59 19.56 -31.21 28.98
CA VAL A 59 18.56 -30.71 29.92
C VAL A 59 18.83 -31.24 31.33
N GLN A 60 19.18 -32.52 31.40
CA GLN A 60 19.49 -33.15 32.69
C GLN A 60 20.74 -32.55 33.30
N LYS A 61 21.73 -32.27 32.47
CA LYS A 61 22.98 -31.67 32.94
C LYS A 61 22.76 -30.27 33.48
N TYR A 62 22.00 -29.47 32.75
CA TYR A 62 21.69 -28.09 33.16
C TYR A 62 21.04 -28.06 34.53
N VAL A 63 20.04 -28.92 34.73
CA VAL A 63 19.34 -29.01 36.00
C VAL A 63 20.31 -29.36 37.13
N SER A 64 21.14 -30.37 36.89
CA SER A 64 22.13 -30.80 37.86
C SER A 64 23.11 -29.68 38.19
N ASP A 65 23.62 -29.04 37.14
CA ASP A 65 24.57 -27.94 37.30
C ASP A 65 23.96 -26.78 38.08
N LEU A 66 22.67 -26.54 37.86
CA LEU A 66 21.96 -25.48 38.57
C LEU A 66 21.86 -25.80 40.06
N GLU A 67 21.45 -27.02 40.37
CA GLU A 67 21.27 -27.43 41.77
C GLU A 67 22.60 -27.52 42.51
N LEU A 68 23.63 -28.00 41.83
CA LEU A 68 24.92 -28.22 42.46
C LEU A 68 25.77 -26.94 42.51
N SER A 69 25.22 -25.84 41.99
CA SER A 69 25.91 -24.55 42.03
C SER A 69 25.12 -23.51 42.82
N ALA A 70 24.13 -23.98 43.58
CA ALA A 70 23.29 -23.08 44.35
C ALA A 70 23.95 -22.75 45.70
N LEU B 3 4.56 -12.85 22.03
CA LEU B 3 5.53 -13.08 20.96
C LEU B 3 6.58 -14.10 21.40
N ALA B 4 6.48 -14.54 22.65
CA ALA B 4 7.36 -15.58 23.17
C ALA B 4 7.02 -16.94 22.56
N ALA B 5 8.05 -17.73 22.28
CA ALA B 5 7.85 -19.01 21.60
C ALA B 5 8.38 -20.18 22.42
N ASP B 6 7.86 -21.38 22.12
CA ASP B 6 8.17 -22.60 22.88
C ASP B 6 7.90 -22.41 24.38
N THR B 7 6.97 -21.51 24.67
CA THR B 7 6.56 -21.20 26.03
C THR B 7 5.67 -22.32 26.57
N PRO B 8 5.73 -22.59 27.88
CA PRO B 8 4.75 -23.48 28.48
C PRO B 8 3.32 -22.99 28.28
N THR B 9 2.37 -23.90 28.37
CA THR B 9 0.96 -23.57 28.17
C THR B 9 0.19 -23.63 29.48
N ALA B 10 -0.70 -22.67 29.70
CA ALA B 10 -1.54 -22.67 30.89
C ALA B 10 -2.67 -23.68 30.72
N CYS B 11 -2.84 -24.55 31.72
CA CYS B 11 -3.90 -25.55 31.69
C CYS B 11 -4.67 -25.58 33.00
N CYS B 12 -5.96 -25.92 32.90
CA CYS B 12 -6.81 -26.04 34.07
C CYS B 12 -7.12 -27.50 34.37
N PHE B 13 -6.83 -27.92 35.60
CA PHE B 13 -7.10 -29.29 36.00
C PHE B 13 -8.23 -29.37 37.02
N SER B 14 -8.69 -28.20 37.45
CA SER B 14 -9.84 -28.09 38.34
C SER B 14 -10.45 -26.70 38.21
N TYR B 15 -11.76 -26.60 38.42
CA TYR B 15 -12.45 -25.32 38.31
C TYR B 15 -12.89 -24.80 39.67
N THR B 16 -13.12 -23.49 39.76
CA THR B 16 -13.59 -22.89 40.99
C THR B 16 -15.00 -23.38 41.30
N SER B 17 -15.26 -23.64 42.58
CA SER B 17 -16.54 -24.19 43.00
C SER B 17 -17.60 -23.12 43.14
N ARG B 18 -17.18 -21.86 43.21
CA ARG B 18 -18.11 -20.75 43.37
C ARG B 18 -17.90 -19.69 42.30
N GLN B 19 -18.97 -18.96 42.01
CA GLN B 19 -18.94 -17.88 41.04
C GLN B 19 -18.13 -16.70 41.58
N ILE B 20 -17.13 -16.28 40.82
CA ILE B 20 -16.36 -15.09 41.16
C ILE B 20 -17.24 -13.85 41.03
N PRO B 21 -17.20 -12.96 42.02
CA PRO B 21 -17.92 -11.69 41.91
C PRO B 21 -17.47 -10.95 40.64
N GLN B 22 -18.43 -10.58 39.80
CA GLN B 22 -18.11 -10.06 38.47
C GLN B 22 -17.26 -8.79 38.51
N ASN B 23 -17.43 -7.99 39.56
CA ASN B 23 -16.69 -6.74 39.68
C ASN B 23 -15.23 -6.97 40.08
N PHE B 24 -14.84 -8.23 40.23
CA PHE B 24 -13.45 -8.58 40.49
C PHE B 24 -12.71 -8.84 39.18
N ILE B 25 -13.46 -9.21 38.15
CA ILE B 25 -12.88 -9.64 36.88
C ILE B 25 -12.21 -8.49 36.12
N ALA B 26 -10.98 -8.73 35.68
CA ALA B 26 -10.25 -7.77 34.87
C ALA B 26 -10.18 -8.23 33.42
N ASP B 27 -10.03 -9.54 33.23
CA ASP B 27 -9.90 -10.12 31.90
C ASP B 27 -10.21 -11.61 31.89
N TYR B 28 -10.26 -12.20 30.69
CA TYR B 28 -10.49 -13.62 30.55
C TYR B 28 -9.52 -14.23 29.54
N PHE B 29 -9.23 -15.51 29.71
CA PHE B 29 -8.39 -16.23 28.76
C PHE B 29 -8.87 -17.66 28.60
N GLU B 30 -9.26 -18.02 27.38
CA GLU B 30 -9.52 -19.41 27.05
C GLU B 30 -8.21 -20.18 27.17
N THR B 31 -8.28 -21.47 27.46
CA THR B 31 -7.07 -22.28 27.53
C THR B 31 -6.89 -23.04 26.22
N SER B 32 -5.66 -23.45 25.95
CA SER B 32 -5.34 -24.15 24.71
C SER B 32 -6.13 -25.44 24.57
N SER B 33 -6.42 -25.81 23.32
CA SER B 33 -7.12 -27.04 23.02
C SER B 33 -6.24 -28.25 23.28
N GLN B 34 -4.95 -28.01 23.48
CA GLN B 34 -3.99 -29.07 23.78
C GLN B 34 -4.14 -29.57 25.21
N CYS B 35 -4.76 -28.76 26.07
CA CYS B 35 -5.01 -29.15 27.45
C CYS B 35 -6.00 -30.30 27.52
N SER B 36 -5.85 -31.14 28.54
CA SER B 36 -6.72 -32.29 28.73
C SER B 36 -8.17 -31.87 28.98
N LYS B 37 -8.33 -30.80 29.76
CA LYS B 37 -9.65 -30.28 30.09
C LYS B 37 -9.87 -28.91 29.45
N PRO B 38 -11.12 -28.60 29.09
CA PRO B 38 -11.45 -27.25 28.65
C PRO B 38 -11.34 -26.29 29.82
N GLY B 39 -11.12 -25.00 29.56
CA GLY B 39 -10.99 -24.06 30.65
C GLY B 39 -10.99 -22.59 30.26
N VAL B 40 -11.62 -21.79 31.11
CA VAL B 40 -11.54 -20.34 31.00
C VAL B 40 -10.80 -19.81 32.22
N ILE B 41 -9.66 -19.16 31.99
CA ILE B 41 -8.92 -18.55 33.08
C ILE B 41 -9.34 -17.11 33.27
N PHE B 42 -9.83 -16.79 34.47
CA PHE B 42 -10.21 -15.42 34.78
C PHE B 42 -9.09 -14.70 35.53
N LEU B 43 -8.76 -13.50 35.05
CA LEU B 43 -7.78 -12.67 35.72
C LEU B 43 -8.48 -11.59 36.53
N THR B 44 -8.32 -11.63 37.85
CA THR B 44 -8.92 -10.61 38.70
C THR B 44 -8.14 -9.31 38.56
N LYS B 45 -8.65 -8.25 39.16
CA LYS B 45 -8.02 -6.93 39.06
C LYS B 45 -6.70 -6.89 39.83
N ARG B 46 -6.58 -7.75 40.83
CA ARG B 46 -5.34 -7.85 41.59
C ARG B 46 -4.48 -8.99 41.05
N SER B 47 -4.72 -9.34 39.78
CA SER B 47 -3.88 -10.27 39.01
C SER B 47 -3.95 -11.73 39.46
N ARG B 48 -4.98 -12.10 40.21
CA ARG B 48 -5.19 -13.50 40.54
C ARG B 48 -5.71 -14.27 39.33
N GLN B 49 -5.29 -15.52 39.18
CA GLN B 49 -5.74 -16.34 38.07
C GLN B 49 -6.58 -17.52 38.57
N VAL B 50 -7.80 -17.62 38.05
CA VAL B 50 -8.75 -18.65 38.50
C VAL B 50 -9.33 -19.43 37.33
N CYS B 51 -9.20 -20.75 37.37
CA CYS B 51 -9.79 -21.61 36.36
C CYS B 51 -11.29 -21.76 36.58
N ALA B 52 -12.05 -21.68 35.49
CA ALA B 52 -13.50 -21.77 35.57
C ALA B 52 -14.05 -22.71 34.49
N ASP B 53 -15.14 -23.38 34.83
CA ASP B 53 -15.77 -24.35 33.92
C ASP B 53 -16.55 -23.64 32.82
N PRO B 54 -16.10 -23.79 31.57
CA PRO B 54 -16.74 -23.16 30.40
C PRO B 54 -18.21 -23.53 30.25
N SER B 55 -18.59 -24.70 30.75
CA SER B 55 -19.97 -25.19 30.63
C SER B 55 -20.92 -24.45 31.56
N GLU B 56 -20.38 -23.87 32.62
CA GLU B 56 -21.19 -23.09 33.56
C GLU B 56 -21.59 -21.76 32.93
N GLU B 57 -22.83 -21.34 33.17
CA GLU B 57 -23.40 -20.19 32.47
C GLU B 57 -22.88 -18.85 32.95
N TRP B 58 -22.43 -18.78 34.19
CA TRP B 58 -21.86 -17.53 34.70
C TRP B 58 -20.54 -17.24 34.00
N VAL B 59 -19.85 -18.32 33.60
CA VAL B 59 -18.59 -18.20 32.87
C VAL B 59 -18.83 -17.66 31.46
N GLN B 60 -19.82 -18.23 30.78
CA GLN B 60 -20.19 -17.79 29.44
C GLN B 60 -20.66 -16.34 29.46
N LYS B 61 -21.39 -15.97 30.51
CA LYS B 61 -21.89 -14.61 30.67
C LYS B 61 -20.75 -13.61 30.87
N TYR B 62 -19.79 -13.97 31.72
CA TYR B 62 -18.65 -13.11 32.00
C TYR B 62 -17.81 -12.87 30.76
N VAL B 63 -17.54 -13.93 30.01
CA VAL B 63 -16.76 -13.84 28.78
C VAL B 63 -17.48 -12.98 27.76
N SER B 64 -18.80 -13.17 27.67
CA SER B 64 -19.63 -12.39 26.75
C SER B 64 -19.57 -10.90 27.08
N ASP B 65 -19.69 -10.57 28.37
CA ASP B 65 -19.65 -9.19 28.81
C ASP B 65 -18.31 -8.55 28.52
N LEU B 66 -17.24 -9.33 28.68
CA LEU B 66 -15.89 -8.84 28.44
C LEU B 66 -15.64 -8.57 26.95
N GLU B 67 -16.23 -9.40 26.11
CA GLU B 67 -16.05 -9.27 24.66
C GLU B 67 -16.86 -8.14 24.05
N LEU B 68 -18.13 -8.05 24.44
CA LEU B 68 -19.06 -7.07 23.88
C LEU B 68 -18.87 -5.67 24.44
N SER B 69 -17.92 -5.52 25.35
CA SER B 69 -17.68 -4.21 25.95
C SER B 69 -16.22 -3.81 25.86
N ALA B 70 -15.49 -4.41 24.92
CA ALA B 70 -14.07 -4.11 24.75
C ALA B 70 -13.86 -2.80 24.00
N ALA C 4 -2.72 -16.67 26.02
CA ALA C 4 -2.42 -17.12 24.67
C ALA C 4 -2.64 -18.57 24.26
N ALA C 5 -3.90 -18.98 24.25
CA ALA C 5 -4.26 -20.38 24.03
C ALA C 5 -4.03 -21.13 22.73
N ASP C 6 -4.75 -20.72 21.70
CA ASP C 6 -4.64 -21.34 20.39
C ASP C 6 -4.23 -20.24 19.42
N THR C 7 -3.59 -19.20 19.97
CA THR C 7 -3.08 -18.09 19.18
C THR C 7 -2.10 -18.53 18.08
N PRO C 8 -2.02 -17.75 16.98
CA PRO C 8 -1.02 -18.05 15.96
C PRO C 8 0.39 -17.81 16.47
N THR C 9 1.37 -18.52 15.90
CA THR C 9 2.76 -18.35 16.29
C THR C 9 3.53 -17.62 15.20
N ALA C 10 4.43 -16.74 15.61
CA ALA C 10 5.26 -16.00 14.68
C ALA C 10 6.34 -16.89 14.07
N CYS C 11 6.41 -16.90 12.75
CA CYS C 11 7.44 -17.67 12.03
C CYS C 11 8.16 -16.79 11.03
N CYS C 12 9.43 -17.11 10.77
CA CYS C 12 10.22 -16.37 9.80
C CYS C 12 10.42 -17.16 8.52
N PHE C 13 10.15 -16.52 7.39
CA PHE C 13 10.32 -17.16 6.09
C PHE C 13 11.37 -16.45 5.24
N SER C 14 11.84 -15.31 5.75
CA SER C 14 12.94 -14.59 5.11
C SER C 14 13.65 -13.72 6.14
N TYR C 15 14.98 -13.71 6.08
CA TYR C 15 15.77 -12.93 7.03
C TYR C 15 16.28 -11.64 6.38
N THR C 16 16.57 -10.65 7.21
CA THR C 16 17.20 -9.43 6.72
C THR C 16 18.62 -9.76 6.24
N SER C 17 19.04 -9.12 5.15
CA SER C 17 20.34 -9.43 4.56
C SER C 17 21.42 -8.52 5.10
N ARG C 18 21.00 -7.43 5.75
CA ARG C 18 21.94 -6.46 6.32
C ARG C 18 21.90 -6.52 7.84
N GLN C 19 23.07 -6.47 8.47
CA GLN C 19 23.15 -6.50 9.92
C GLN C 19 22.59 -5.22 10.55
N ILE C 20 21.66 -5.39 11.48
CA ILE C 20 21.08 -4.25 12.17
C ILE C 20 22.09 -3.62 13.12
N PRO C 21 22.24 -2.29 13.06
CA PRO C 21 23.07 -1.58 14.04
C PRO C 21 22.60 -1.87 15.46
N GLN C 22 23.50 -2.34 16.31
CA GLN C 22 23.12 -2.90 17.61
C GLN C 22 22.43 -1.90 18.53
N ASN C 23 22.71 -0.61 18.35
CA ASN C 23 22.07 0.41 19.18
C ASN C 23 20.63 0.69 18.77
N PHE C 24 20.13 -0.06 17.80
CA PHE C 24 18.72 0.02 17.40
C PHE C 24 17.94 -1.07 18.10
N ILE C 25 18.64 -2.09 18.58
CA ILE C 25 18.01 -3.27 19.16
C ILE C 25 17.38 -2.98 20.52
N ALA C 26 16.09 -3.28 20.65
CA ALA C 26 15.38 -3.10 21.90
C ALA C 26 15.20 -4.44 22.62
N ASP C 27 14.88 -5.48 21.86
CA ASP C 27 14.66 -6.80 22.43
C ASP C 27 14.77 -7.90 21.37
N TYR C 28 14.79 -9.15 21.81
CA TYR C 28 14.82 -10.28 20.89
C TYR C 28 13.74 -11.30 21.24
N PHE C 29 13.32 -12.07 20.24
CA PHE C 29 12.38 -13.16 20.47
C PHE C 29 12.73 -14.35 19.57
N GLU C 30 12.94 -15.51 20.17
CA GLU C 30 13.14 -16.73 19.41
C GLU C 30 11.81 -17.15 18.79
N THR C 31 11.85 -17.81 17.64
CA THR C 31 10.64 -18.32 17.02
C THR C 31 10.43 -19.77 17.43
N SER C 32 9.18 -20.23 17.33
CA SER C 32 8.83 -21.58 17.74
C SER C 32 9.57 -22.64 16.93
N SER C 33 9.84 -23.78 17.55
CA SER C 33 10.52 -24.88 16.88
C SER C 33 9.59 -25.55 15.88
N GLN C 34 8.31 -25.16 15.91
CA GLN C 34 7.32 -25.69 14.99
C GLN C 34 7.44 -25.02 13.62
N CYS C 35 8.07 -23.85 13.59
CA CYS C 35 8.29 -23.15 12.33
C CYS C 35 9.21 -23.96 11.43
N SER C 36 8.96 -23.89 10.12
CA SER C 36 9.74 -24.64 9.15
C SER C 36 11.19 -24.16 9.11
N LYS C 37 11.40 -22.87 9.36
CA LYS C 37 12.72 -22.28 9.36
C LYS C 37 13.05 -21.73 10.73
N PRO C 38 14.34 -21.79 11.12
CA PRO C 38 14.75 -21.16 12.38
C PRO C 38 14.65 -19.65 12.26
N GLY C 39 14.56 -18.93 13.38
CA GLY C 39 14.44 -17.50 13.30
C GLY C 39 14.55 -16.78 14.63
N VAL C 40 15.20 -15.63 14.61
CA VAL C 40 15.20 -14.71 15.73
C VAL C 40 14.55 -13.41 15.30
N ILE C 41 13.53 -12.99 16.04
CA ILE C 41 12.87 -11.71 15.75
C ILE C 41 13.45 -10.63 16.63
N PHE C 42 14.14 -9.67 16.00
CA PHE C 42 14.64 -8.53 16.73
C PHE C 42 13.62 -7.41 16.76
N LEU C 43 13.48 -6.77 17.92
CA LEU C 43 12.59 -5.64 18.05
C LEU C 43 13.42 -4.36 18.14
N THR C 44 13.20 -3.43 17.21
CA THR C 44 13.94 -2.18 17.23
C THR C 44 13.31 -1.22 18.24
N LYS C 45 14.01 -0.13 18.53
CA LYS C 45 13.52 0.86 19.48
C LYS C 45 12.31 1.60 18.91
N ARG C 46 12.16 1.54 17.59
CA ARG C 46 10.98 2.09 16.91
C ARG C 46 9.93 0.98 16.73
N SER C 47 10.12 -0.11 17.47
CA SER C 47 9.19 -1.23 17.53
C SER C 47 9.01 -1.95 16.19
N ARG C 48 10.06 -1.96 15.37
CA ARG C 48 10.07 -2.80 14.17
C ARG C 48 10.37 -4.23 14.58
N GLN C 49 9.67 -5.18 13.95
CA GLN C 49 9.98 -6.58 14.15
C GLN C 49 10.71 -7.13 12.93
N VAL C 50 11.98 -7.50 13.11
CA VAL C 50 12.81 -7.93 12.00
C VAL C 50 13.28 -9.38 12.16
N CYS C 51 13.03 -10.19 11.13
CA CYS C 51 13.49 -11.57 11.12
C CYS C 51 14.98 -11.64 10.80
N ALA C 52 15.72 -12.46 11.54
CA ALA C 52 17.15 -12.60 11.34
C ALA C 52 17.59 -14.06 11.44
N ASP C 53 18.68 -14.39 10.75
CA ASP C 53 19.19 -15.75 10.69
C ASP C 53 19.98 -16.10 11.95
N PRO C 54 19.49 -17.08 12.73
CA PRO C 54 20.14 -17.49 13.97
C PRO C 54 21.54 -18.07 13.76
N SER C 55 21.85 -18.45 12.53
CA SER C 55 23.14 -19.08 12.23
C SER C 55 24.24 -18.04 12.07
N GLU C 56 23.86 -16.76 11.98
CA GLU C 56 24.83 -15.70 11.83
C GLU C 56 25.34 -15.23 13.20
N GLU C 57 26.64 -15.02 13.29
CA GLU C 57 27.29 -14.69 14.56
C GLU C 57 26.76 -13.40 15.19
N TRP C 58 26.50 -12.37 14.38
CA TRP C 58 26.04 -11.11 14.92
C TRP C 58 24.66 -11.26 15.55
N VAL C 59 23.83 -12.13 14.98
CA VAL C 59 22.53 -12.43 15.55
C VAL C 59 22.69 -13.10 16.91
N GLN C 60 23.55 -14.12 16.95
CA GLN C 60 23.85 -14.83 18.19
C GLN C 60 24.46 -13.90 19.23
N LYS C 61 25.29 -12.97 18.77
CA LYS C 61 25.95 -12.02 19.65
C LYS C 61 24.96 -11.03 20.26
N TYR C 62 24.03 -10.55 19.44
CA TYR C 62 23.02 -9.61 19.91
C TYR C 62 22.13 -10.23 20.98
N VAL C 63 21.77 -11.49 20.77
CA VAL C 63 20.92 -12.21 21.71
C VAL C 63 21.66 -12.43 23.03
N SER C 64 22.93 -12.78 22.93
CA SER C 64 23.77 -12.99 24.12
C SER C 64 23.88 -11.71 24.94
N ASP C 65 24.13 -10.59 24.25
CA ASP C 65 24.27 -9.30 24.92
C ASP C 65 22.98 -8.89 25.61
N LEU C 66 21.85 -9.15 24.97
CA LEU C 66 20.55 -8.86 25.55
C LEU C 66 20.31 -9.74 26.78
N GLU C 67 20.80 -10.97 26.70
CA GLU C 67 20.63 -11.93 27.79
C GLU C 67 21.49 -11.61 29.00
N LEU C 68 22.79 -11.42 28.75
CA LEU C 68 23.75 -11.21 29.84
C LEU C 68 23.69 -9.80 30.42
N SER C 69 22.81 -8.96 29.88
CA SER C 69 22.62 -7.62 30.41
C SER C 69 21.25 -7.48 31.06
N ALA C 70 20.53 -8.60 31.16
CA ALA C 70 19.21 -8.60 31.76
C ALA C 70 19.29 -8.77 33.28
N LEU D 3 3.38 -1.53 5.16
CA LEU D 3 4.58 -1.92 4.43
C LEU D 3 5.54 -2.70 5.31
N ALA D 4 5.31 -4.01 5.43
CA ALA D 4 6.16 -4.87 6.25
C ALA D 4 7.23 -5.53 5.41
N ALA D 5 8.44 -5.66 5.98
CA ALA D 5 9.55 -6.27 5.26
C ALA D 5 10.39 -7.14 6.19
N ASP D 6 10.57 -8.39 5.81
CA ASP D 6 11.28 -9.37 6.62
C ASP D 6 10.71 -9.45 8.02
N THR D 7 9.39 -9.29 8.11
CA THR D 7 8.67 -9.36 9.37
C THR D 7 8.17 -10.79 9.57
N PRO D 8 7.92 -11.18 10.82
CA PRO D 8 7.43 -12.55 11.06
C PRO D 8 6.07 -12.80 10.42
N THR D 9 5.75 -14.07 10.20
CA THR D 9 4.49 -14.46 9.60
C THR D 9 3.67 -15.31 10.57
N ALA D 10 2.40 -14.96 10.74
CA ALA D 10 1.53 -15.70 11.64
C ALA D 10 1.11 -17.03 11.04
N CYS D 11 1.33 -18.11 11.79
CA CYS D 11 0.95 -19.43 11.33
C CYS D 11 0.16 -20.18 12.39
N CYS D 12 -0.72 -21.07 11.94
CA CYS D 12 -1.53 -21.86 12.86
C CYS D 12 -1.02 -23.30 12.96
N PHE D 13 -0.80 -23.76 14.19
CA PHE D 13 -0.37 -25.12 14.43
C PHE D 13 -1.38 -25.86 15.29
N SER D 14 -2.26 -25.11 15.96
CA SER D 14 -3.33 -25.68 16.75
C SER D 14 -4.60 -24.85 16.63
N TYR D 15 -5.68 -25.47 16.17
CA TYR D 15 -6.96 -24.79 16.01
C TYR D 15 -7.76 -24.79 17.30
N THR D 16 -8.79 -23.96 17.35
CA THR D 16 -9.75 -24.01 18.45
C THR D 16 -10.71 -25.16 18.20
N SER D 17 -11.13 -25.82 19.28
CA SER D 17 -11.97 -27.00 19.16
C SER D 17 -13.45 -26.64 19.00
N ARG D 18 -13.89 -25.63 19.75
CA ARG D 18 -15.29 -25.23 19.72
C ARG D 18 -15.48 -23.93 18.93
N GLN D 19 -16.64 -23.82 18.28
CA GLN D 19 -16.97 -22.65 17.47
C GLN D 19 -17.09 -21.38 18.32
N ILE D 20 -16.51 -20.29 17.84
CA ILE D 20 -16.59 -19.01 18.52
C ILE D 20 -17.94 -18.36 18.28
N PRO D 21 -18.56 -17.83 19.34
CA PRO D 21 -19.79 -17.03 19.18
C PRO D 21 -19.56 -15.88 18.21
N GLN D 22 -20.37 -15.82 17.15
CA GLN D 22 -20.10 -14.92 16.03
C GLN D 22 -20.10 -13.43 16.41
N ASN D 23 -20.86 -13.08 17.44
CA ASN D 23 -20.91 -11.68 17.87
C ASN D 23 -19.68 -11.27 18.67
N PHE D 24 -18.71 -12.18 18.77
CA PHE D 24 -17.42 -11.86 19.36
C PHE D 24 -16.43 -11.47 18.26
N ILE D 25 -16.67 -11.98 17.05
CA ILE D 25 -15.77 -11.79 15.93
C ILE D 25 -15.73 -10.33 15.46
N ALA D 26 -14.53 -9.79 15.35
CA ALA D 26 -14.35 -8.42 14.87
C ALA D 26 -13.75 -8.43 13.46
N ASP D 27 -12.93 -9.45 13.18
CA ASP D 27 -12.27 -9.55 11.89
C ASP D 27 -11.69 -10.94 11.65
N TYR D 28 -11.19 -11.17 10.44
CA TYR D 28 -10.53 -12.43 10.11
C TYR D 28 -9.28 -12.19 9.28
N PHE D 29 -8.38 -13.16 9.29
CA PHE D 29 -7.18 -13.11 8.46
C PHE D 29 -6.82 -14.50 7.97
N GLU D 30 -6.59 -14.63 6.68
CA GLU D 30 -6.09 -15.88 6.12
C GLU D 30 -4.58 -15.95 6.31
N THR D 31 -4.08 -17.07 6.81
CA THR D 31 -2.66 -17.23 7.04
C THR D 31 -1.92 -17.50 5.73
N SER D 32 -0.63 -17.17 5.70
CA SER D 32 0.18 -17.28 4.50
C SER D 32 0.26 -18.70 3.97
N SER D 33 0.39 -18.83 2.65
CA SER D 33 0.50 -20.13 2.00
C SER D 33 1.85 -20.77 2.31
N GLN D 34 2.77 -19.99 2.87
CA GLN D 34 4.08 -20.50 3.26
C GLN D 34 3.99 -21.33 4.53
N CYS D 35 2.89 -21.17 5.27
CA CYS D 35 2.66 -21.95 6.49
C CYS D 35 2.44 -23.42 6.15
N SER D 36 2.86 -24.30 7.04
CA SER D 36 2.72 -25.74 6.84
C SER D 36 1.26 -26.17 6.82
N LYS D 37 0.42 -25.48 7.59
CA LYS D 37 -0.99 -25.80 7.67
C LYS D 37 -1.84 -24.62 7.21
N PRO D 38 -2.94 -24.91 6.50
CA PRO D 38 -3.89 -23.85 6.14
C PRO D 38 -4.58 -23.33 7.40
N GLY D 39 -4.88 -22.04 7.45
CA GLY D 39 -5.44 -21.47 8.66
C GLY D 39 -6.21 -20.17 8.49
N VAL D 40 -7.14 -19.94 9.41
CA VAL D 40 -7.86 -18.68 9.48
C VAL D 40 -7.73 -18.11 10.89
N ILE D 41 -7.28 -16.87 10.99
CA ILE D 41 -7.15 -16.21 12.28
C ILE D 41 -8.32 -15.27 12.52
N PHE D 42 -9.19 -15.61 13.46
CA PHE D 42 -10.27 -14.72 13.84
C PHE D 42 -9.80 -13.76 14.92
N LEU D 43 -10.19 -12.50 14.79
CA LEU D 43 -9.85 -11.49 15.78
C LEU D 43 -11.10 -11.08 16.56
N THR D 44 -11.14 -11.42 17.84
CA THR D 44 -12.29 -11.09 18.67
C THR D 44 -12.32 -9.59 18.94
N LYS D 45 -13.46 -9.10 19.44
CA LYS D 45 -13.61 -7.69 19.75
C LYS D 45 -12.69 -7.25 20.89
N ARG D 46 -12.24 -8.22 21.68
CA ARG D 46 -11.28 -7.94 22.74
C ARG D 46 -9.86 -8.20 22.25
N SER D 47 -9.70 -8.15 20.92
CA SER D 47 -8.40 -8.26 20.26
C SER D 47 -7.68 -9.58 20.50
N ARG D 48 -8.44 -10.65 20.78
CA ARG D 48 -7.88 -11.98 20.87
C ARG D 48 -7.67 -12.54 19.47
N GLN D 49 -6.62 -13.34 19.30
CA GLN D 49 -6.37 -14.00 18.02
C GLN D 49 -6.55 -15.50 18.15
N VAL D 50 -7.48 -16.05 17.38
CA VAL D 50 -7.81 -17.47 17.48
C VAL D 50 -7.68 -18.18 16.14
N CYS D 51 -6.81 -19.18 16.09
CA CYS D 51 -6.67 -20.00 14.89
C CYS D 51 -7.89 -20.90 14.73
N ALA D 52 -8.39 -21.00 13.51
CA ALA D 52 -9.55 -21.82 13.22
C ALA D 52 -9.35 -22.62 11.94
N ASP D 53 -9.87 -23.84 11.91
CA ASP D 53 -9.70 -24.74 10.78
C ASP D 53 -10.58 -24.31 9.61
N PRO D 54 -9.96 -23.97 8.46
CA PRO D 54 -10.66 -23.52 7.26
C PRO D 54 -11.57 -24.59 6.66
N SER D 55 -11.38 -25.85 7.08
CA SER D 55 -12.18 -26.96 6.56
C SER D 55 -13.57 -26.99 7.19
N GLU D 56 -13.67 -26.47 8.41
CA GLU D 56 -14.96 -26.42 9.10
C GLU D 56 -15.88 -25.37 8.51
N GLU D 57 -17.17 -25.67 8.46
CA GLU D 57 -18.13 -24.83 7.75
C GLU D 57 -18.37 -23.48 8.44
N TRP D 58 -18.46 -23.49 9.77
CA TRP D 58 -18.73 -22.26 10.52
C TRP D 58 -17.63 -21.23 10.31
N VAL D 59 -16.42 -21.70 10.05
CA VAL D 59 -15.29 -20.82 9.74
C VAL D 59 -15.51 -20.14 8.39
N GLN D 60 -15.93 -20.93 7.41
CA GLN D 60 -16.22 -20.41 6.08
C GLN D 60 -17.39 -19.44 6.12
N LYS D 61 -18.39 -19.75 6.94
CA LYS D 61 -19.55 -18.88 7.13
C LYS D 61 -19.13 -17.51 7.67
N TYR D 62 -18.32 -17.53 8.72
CA TYR D 62 -17.88 -16.30 9.39
C TYR D 62 -17.08 -15.43 8.43
N VAL D 63 -16.18 -16.04 7.68
CA VAL D 63 -15.35 -15.32 6.71
C VAL D 63 -16.22 -14.66 5.64
N SER D 64 -17.20 -15.41 5.15
CA SER D 64 -18.12 -14.91 4.14
C SER D 64 -18.92 -13.71 4.66
N ASP D 65 -19.43 -13.82 5.88
CA ASP D 65 -20.23 -12.75 6.48
C ASP D 65 -19.41 -11.48 6.67
N LEU D 66 -18.12 -11.65 6.99
CA LEU D 66 -17.24 -10.51 7.20
C LEU D 66 -16.93 -9.80 5.88
N GLU D 67 -16.74 -10.56 4.82
CA GLU D 67 -16.42 -10.00 3.51
C GLU D 67 -17.63 -9.35 2.86
N LEU D 68 -18.78 -10.00 2.95
CA LEU D 68 -19.99 -9.55 2.27
C LEU D 68 -20.71 -8.44 3.03
N SER D 69 -20.14 -8.03 4.15
CA SER D 69 -20.69 -6.90 4.91
C SER D 69 -19.67 -5.76 4.97
N ALA D 70 -20.13 -4.60 5.47
CA ALA D 70 -19.29 -3.41 5.56
C ALA D 70 -18.68 -3.02 4.22
N LEU E 3 -1.07 -8.73 10.61
CA LEU E 3 -1.59 -10.08 10.38
C LEU E 3 -1.90 -10.32 8.91
N ALA E 4 -1.34 -9.48 8.04
CA ALA E 4 -1.50 -9.64 6.61
C ALA E 4 -0.68 -10.83 6.11
N ALA E 5 -1.18 -11.49 5.07
CA ALA E 5 -0.50 -12.67 4.53
C ALA E 5 -0.70 -12.76 3.02
N ASP E 6 0.29 -13.33 2.34
CA ASP E 6 0.33 -13.35 0.88
C ASP E 6 0.10 -11.94 0.35
N THR E 7 0.75 -11.00 1.03
CA THR E 7 0.58 -9.57 0.81
C THR E 7 1.72 -9.05 -0.08
N PRO E 8 1.41 -8.06 -0.94
CA PRO E 8 2.46 -7.44 -1.77
C PRO E 8 3.61 -6.87 -0.95
N THR E 9 4.79 -6.83 -1.54
CA THR E 9 5.98 -6.33 -0.86
C THR E 9 6.51 -5.08 -1.54
N ALA E 10 6.81 -4.05 -0.75
CA ALA E 10 7.36 -2.81 -1.29
C ALA E 10 8.81 -2.99 -1.72
N CYS E 11 9.11 -2.60 -2.96
CA CYS E 11 10.47 -2.70 -3.49
C CYS E 11 10.90 -1.40 -4.13
N CYS E 12 12.19 -1.11 -4.04
CA CYS E 12 12.77 0.07 -4.67
C CYS E 12 13.60 -0.33 -5.88
N PHE E 13 13.32 0.29 -7.03
CA PHE E 13 14.07 0.00 -8.24
C PHE E 13 14.87 1.23 -8.67
N SER E 14 14.76 2.29 -7.88
CA SER E 14 15.51 3.51 -8.10
C SER E 14 15.49 4.34 -6.83
N TYR E 15 16.59 5.04 -6.56
CA TYR E 15 16.67 5.89 -5.38
C TYR E 15 16.57 7.36 -5.74
N THR E 16 16.12 8.18 -4.78
CA THR E 16 16.19 9.62 -4.95
C THR E 16 17.64 10.05 -4.99
N SER E 17 17.97 10.97 -5.90
CA SER E 17 19.34 11.45 -6.02
C SER E 17 19.53 12.69 -5.14
N ARG E 18 18.44 13.18 -4.58
CA ARG E 18 18.46 14.34 -3.71
C ARG E 18 18.21 13.96 -2.25
N GLN E 19 18.85 14.69 -1.34
CA GLN E 19 18.62 14.50 0.07
C GLN E 19 17.33 15.18 0.50
N ILE E 20 16.42 14.40 1.06
CA ILE E 20 15.13 14.90 1.53
C ILE E 20 15.31 15.79 2.76
N PRO E 21 14.60 16.92 2.81
CA PRO E 21 14.56 17.74 4.03
C PRO E 21 14.15 16.91 5.24
N GLN E 22 15.01 16.83 6.25
CA GLN E 22 14.81 15.90 7.35
C GLN E 22 13.52 16.15 8.14
N ASN E 23 13.10 17.40 8.22
CA ASN E 23 11.89 17.73 8.98
C ASN E 23 10.60 17.31 8.24
N PHE E 24 10.76 16.69 7.08
CA PHE E 24 9.63 16.14 6.35
C PHE E 24 9.39 14.69 6.75
N ILE E 25 10.43 14.05 7.27
CA ILE E 25 10.42 12.62 7.56
C ILE E 25 9.56 12.27 8.77
N ALA E 26 8.64 11.33 8.59
CA ALA E 26 7.80 10.86 9.68
C ALA E 26 8.23 9.47 10.14
N ASP E 27 8.65 8.64 9.18
CA ASP E 27 9.04 7.28 9.49
C ASP E 27 9.92 6.69 8.39
N TYR E 28 10.44 5.48 8.64
CA TYR E 28 11.29 4.79 7.67
C TYR E 28 11.02 3.29 7.68
N PHE E 29 11.34 2.63 6.57
CA PHE E 29 11.25 1.18 6.49
C PHE E 29 12.40 0.62 5.64
N GLU E 30 13.04 -0.43 6.13
CA GLU E 30 13.97 -1.19 5.31
C GLU E 30 13.14 -2.08 4.40
N THR E 31 13.53 -2.18 3.13
CA THR E 31 12.79 -3.03 2.19
C THR E 31 13.22 -4.48 2.34
N SER E 32 12.34 -5.39 1.95
CA SER E 32 12.58 -6.82 2.10
C SER E 32 13.84 -7.27 1.37
N SER E 33 14.54 -8.24 1.96
CA SER E 33 15.75 -8.79 1.36
C SER E 33 15.42 -9.59 0.10
N GLN E 34 14.13 -9.85 -0.11
CA GLN E 34 13.67 -10.54 -1.31
C GLN E 34 13.71 -9.62 -2.53
N CYS E 35 13.78 -8.32 -2.29
CA CYS E 35 13.87 -7.35 -3.38
C CYS E 35 15.23 -7.44 -4.06
N SER E 36 15.28 -7.06 -5.32
CA SER E 36 16.52 -7.12 -6.09
C SER E 36 17.54 -6.13 -5.56
N LYS E 37 17.09 -4.93 -5.23
CA LYS E 37 17.96 -3.88 -4.74
C LYS E 37 17.71 -3.60 -3.26
N PRO E 38 18.77 -3.27 -2.50
CA PRO E 38 18.59 -2.81 -1.13
C PRO E 38 17.83 -1.50 -1.14
N GLY E 39 17.12 -1.17 -0.06
CA GLY E 39 16.37 0.06 -0.04
C GLY E 39 15.82 0.49 1.30
N VAL E 40 15.82 1.80 1.50
CA VAL E 40 15.14 2.40 2.65
C VAL E 40 14.01 3.29 2.13
N ILE E 41 12.80 3.02 2.59
CA ILE E 41 11.66 3.84 2.22
C ILE E 41 11.36 4.85 3.30
N PHE E 42 11.53 6.13 2.99
CA PHE E 42 11.19 7.19 3.93
C PHE E 42 9.73 7.57 3.74
N LEU E 43 9.04 7.78 4.87
CA LEU E 43 7.64 8.17 4.84
C LEU E 43 7.51 9.59 5.35
N THR E 44 7.10 10.51 4.48
CA THR E 44 6.93 11.89 4.87
C THR E 44 5.70 12.06 5.75
N LYS E 45 5.58 13.20 6.41
CA LYS E 45 4.44 13.46 7.27
C LYS E 45 3.14 13.56 6.47
N ARG E 46 3.26 13.92 5.19
CA ARG E 46 2.12 13.97 4.28
C ARG E 46 1.93 12.59 3.62
N SER E 47 2.58 11.58 4.21
CA SER E 47 2.46 10.19 3.79
C SER E 47 2.96 9.91 2.37
N ARG E 48 3.90 10.72 1.91
CA ARG E 48 4.60 10.43 0.66
C ARG E 48 5.68 9.38 0.93
N GLN E 49 5.97 8.56 -0.07
CA GLN E 49 6.97 7.52 0.08
C GLN E 49 8.11 7.70 -0.91
N VAL E 50 9.34 7.75 -0.39
CA VAL E 50 10.52 7.95 -1.22
C VAL E 50 11.56 6.87 -1.00
N CYS E 51 12.00 6.23 -2.08
CA CYS E 51 13.06 5.24 -2.00
C CYS E 51 14.41 5.94 -1.87
N ALA E 52 15.27 5.40 -1.01
CA ALA E 52 16.58 5.98 -0.77
C ALA E 52 17.65 4.89 -0.67
N ASP E 53 18.88 5.24 -1.03
CA ASP E 53 19.99 4.30 -1.00
C ASP E 53 20.53 4.15 0.42
N PRO E 54 20.43 2.94 0.99
CA PRO E 54 20.86 2.68 2.36
C PRO E 54 22.37 2.83 2.57
N SER E 55 23.13 2.86 1.48
CA SER E 55 24.58 3.02 1.58
C SER E 55 24.98 4.49 1.72
N GLU E 56 24.02 5.38 1.45
CA GLU E 56 24.27 6.81 1.60
C GLU E 56 24.33 7.20 3.07
N GLU E 57 25.23 8.13 3.40
CA GLU E 57 25.44 8.53 4.78
C GLU E 57 24.23 9.27 5.37
N TRP E 58 23.62 10.15 4.59
CA TRP E 58 22.49 10.93 5.09
C TRP E 58 21.30 10.02 5.38
N VAL E 59 21.14 8.97 4.58
CA VAL E 59 20.09 7.99 4.80
C VAL E 59 20.31 7.26 6.12
N GLN E 60 21.55 6.85 6.35
CA GLN E 60 21.92 6.17 7.60
C GLN E 60 21.73 7.09 8.80
N LYS E 61 21.99 8.38 8.60
CA LYS E 61 21.83 9.37 9.65
C LYS E 61 20.36 9.56 10.01
N TYR E 62 19.51 9.63 8.99
CA TYR E 62 18.07 9.82 9.20
C TYR E 62 17.46 8.62 9.92
N VAL E 63 17.88 7.42 9.50
CA VAL E 63 17.41 6.19 10.11
C VAL E 63 17.84 6.12 11.58
N SER E 64 19.07 6.54 11.85
CA SER E 64 19.59 6.57 13.20
C SER E 64 18.80 7.52 14.08
N ASP E 65 18.54 8.72 13.55
CA ASP E 65 17.80 9.73 14.29
C ASP E 65 16.38 9.27 14.61
N LEU E 66 15.76 8.57 13.66
CA LEU E 66 14.41 8.07 13.86
C LEU E 66 14.35 6.97 14.91
N GLU E 67 15.33 6.08 14.89
CA GLU E 67 15.39 4.98 15.84
C GLU E 67 15.74 5.45 17.26
N LEU E 68 16.70 6.36 17.37
CA LEU E 68 17.21 6.78 18.66
C LEU E 68 16.39 7.87 19.32
N SER E 69 15.37 8.37 18.61
CA SER E 69 14.49 9.39 19.19
C SER E 69 13.09 8.82 19.43
N ALA E 70 12.98 7.50 19.41
CA ALA E 70 11.70 6.83 19.62
C ALA E 70 11.36 6.76 21.11
N ALA F 1 15.31 12.18 -16.42
CA ALA F 1 16.66 11.93 -15.94
C ALA F 1 16.88 10.45 -15.66
N SER F 2 16.19 9.92 -14.65
CA SER F 2 16.35 8.53 -14.26
C SER F 2 15.48 7.61 -15.12
N LEU F 3 15.89 6.35 -15.24
CA LEU F 3 15.16 5.38 -16.04
C LEU F 3 13.91 4.89 -15.32
N ALA F 4 14.01 4.68 -14.02
CA ALA F 4 12.87 4.28 -13.20
C ALA F 4 12.55 5.33 -12.15
N ALA F 5 11.34 5.29 -11.62
CA ALA F 5 10.90 6.23 -10.59
C ALA F 5 11.43 5.83 -9.22
N ASP F 6 11.51 6.78 -8.30
CA ASP F 6 12.07 6.51 -6.98
C ASP F 6 10.98 6.39 -5.89
N THR F 7 9.78 5.99 -6.30
CA THR F 7 8.73 5.64 -5.35
C THR F 7 8.56 4.13 -5.36
N PRO F 8 8.37 3.54 -4.16
CA PRO F 8 8.33 2.08 -3.99
C PRO F 8 7.29 1.38 -4.87
N THR F 9 7.59 0.14 -5.26
CA THR F 9 6.73 -0.64 -6.13
C THR F 9 6.22 -1.89 -5.44
N ALA F 10 4.97 -2.26 -5.69
CA ALA F 10 4.39 -3.47 -5.12
C ALA F 10 4.83 -4.70 -5.90
N CYS F 11 5.38 -5.68 -5.21
CA CYS F 11 5.81 -6.93 -5.83
C CYS F 11 5.33 -8.14 -5.04
N CYS F 12 5.09 -9.24 -5.75
CA CYS F 12 4.66 -10.47 -5.11
C CYS F 12 5.79 -11.50 -5.08
N PHE F 13 6.02 -12.09 -3.91
CA PHE F 13 7.05 -13.11 -3.75
C PHE F 13 6.45 -14.45 -3.34
N SER F 14 5.25 -14.39 -2.76
CA SER F 14 4.50 -15.60 -2.45
C SER F 14 3.05 -15.43 -2.88
N TYR F 15 2.47 -16.49 -3.43
CA TYR F 15 1.08 -16.45 -3.87
C TYR F 15 0.17 -17.19 -2.90
N THR F 16 -1.10 -16.84 -2.89
CA THR F 16 -2.09 -17.59 -2.13
C THR F 16 -2.23 -18.98 -2.77
N SER F 17 -2.38 -20.00 -1.93
CA SER F 17 -2.43 -21.37 -2.44
C SER F 17 -3.87 -21.82 -2.66
N ARG F 18 -4.81 -21.11 -2.06
CA ARG F 18 -6.22 -21.44 -2.21
C ARG F 18 -6.93 -20.40 -3.07
N GLN F 19 -7.87 -20.85 -3.90
CA GLN F 19 -8.65 -19.95 -4.73
C GLN F 19 -9.60 -19.11 -3.89
N ILE F 20 -9.53 -17.80 -4.07
CA ILE F 20 -10.43 -16.88 -3.37
C ILE F 20 -11.84 -17.02 -3.93
N PRO F 21 -12.84 -17.13 -3.06
CA PRO F 21 -14.24 -17.09 -3.49
C PRO F 21 -14.51 -15.81 -4.28
N GLN F 22 -15.00 -15.95 -5.51
CA GLN F 22 -15.05 -14.83 -6.44
C GLN F 22 -15.89 -13.65 -5.94
N ASN F 23 -16.90 -13.93 -5.13
CA ASN F 23 -17.75 -12.88 -4.60
C ASN F 23 -17.08 -12.06 -3.50
N PHE F 24 -15.81 -12.36 -3.23
CA PHE F 24 -15.02 -11.58 -2.28
C PHE F 24 -14.20 -10.53 -3.02
N ILE F 25 -13.99 -10.76 -4.31
CA ILE F 25 -13.13 -9.90 -5.13
C ILE F 25 -13.80 -8.56 -5.42
N ALA F 26 -13.05 -7.47 -5.21
CA ALA F 26 -13.56 -6.13 -5.47
C ALA F 26 -12.83 -5.49 -6.65
N ASP F 27 -11.55 -5.83 -6.80
CA ASP F 27 -10.74 -5.27 -7.88
C ASP F 27 -9.47 -6.08 -8.11
N TYR F 28 -8.68 -5.68 -9.10
CA TYR F 28 -7.43 -6.36 -9.40
C TYR F 28 -6.36 -5.36 -9.87
N PHE F 29 -5.09 -5.72 -9.64
CA PHE F 29 -3.97 -4.91 -10.12
C PHE F 29 -2.83 -5.80 -10.58
N GLU F 30 -2.21 -5.44 -11.70
CA GLU F 30 -1.03 -6.13 -12.18
C GLU F 30 0.22 -5.54 -11.55
N THR F 31 1.07 -6.39 -10.99
CA THR F 31 2.33 -5.92 -10.42
C THR F 31 3.28 -5.53 -11.55
N SER F 32 4.18 -4.60 -11.25
CA SER F 32 5.10 -4.08 -12.25
C SER F 32 5.97 -5.15 -12.89
N SER F 33 6.39 -4.88 -14.13
CA SER F 33 7.29 -5.76 -14.86
C SER F 33 8.69 -5.75 -14.24
N GLN F 34 8.93 -4.76 -13.39
CA GLN F 34 10.20 -4.65 -12.68
C GLN F 34 10.39 -5.79 -11.68
N CYS F 35 9.26 -6.31 -11.17
CA CYS F 35 9.29 -7.38 -10.17
C CYS F 35 9.88 -8.66 -10.75
N SER F 36 10.59 -9.41 -9.90
CA SER F 36 11.22 -10.65 -10.32
C SER F 36 10.20 -11.72 -10.70
N LYS F 37 9.09 -11.75 -9.96
CA LYS F 37 8.02 -12.69 -10.23
C LYS F 37 6.78 -11.97 -10.76
N PRO F 38 6.09 -12.60 -11.72
CA PRO F 38 4.82 -12.03 -12.20
C PRO F 38 3.77 -12.12 -11.10
N GLY F 39 2.82 -11.19 -11.08
CA GLY F 39 1.84 -11.18 -10.02
C GLY F 39 0.59 -10.39 -10.31
N VAL F 40 -0.53 -10.88 -9.78
CA VAL F 40 -1.77 -10.15 -9.77
C VAL F 40 -2.20 -9.92 -8.33
N ILE F 41 -2.46 -8.67 -7.98
CA ILE F 41 -2.96 -8.35 -6.65
C ILE F 41 -4.48 -8.22 -6.68
N PHE F 42 -5.17 -9.12 -6.00
CA PHE F 42 -6.61 -9.01 -5.86
C PHE F 42 -6.95 -8.18 -4.63
N LEU F 43 -7.91 -7.27 -4.78
CA LEU F 43 -8.40 -6.49 -3.66
C LEU F 43 -9.75 -7.02 -3.22
N THR F 44 -9.81 -7.55 -2.01
CA THR F 44 -11.07 -8.09 -1.49
C THR F 44 -11.99 -6.95 -1.05
N LYS F 45 -13.22 -7.29 -0.69
CA LYS F 45 -14.20 -6.29 -0.30
C LYS F 45 -13.90 -5.71 1.09
N ARG F 46 -13.05 -6.40 1.85
CA ARG F 46 -12.57 -5.87 3.12
C ARG F 46 -11.22 -5.19 2.93
N SER F 47 -10.92 -4.84 1.67
CA SER F 47 -9.71 -4.11 1.30
C SER F 47 -8.42 -4.88 1.59
N ARG F 48 -8.52 -6.21 1.65
CA ARG F 48 -7.33 -7.05 1.77
C ARG F 48 -6.63 -7.12 0.41
N GLN F 49 -5.31 -7.10 0.43
CA GLN F 49 -4.53 -7.28 -0.81
C GLN F 49 -3.87 -8.65 -0.83
N VAL F 50 -4.21 -9.45 -1.83
CA VAL F 50 -3.73 -10.82 -1.92
C VAL F 50 -2.99 -11.10 -3.23
N CYS F 51 -1.73 -11.51 -3.13
CA CYS F 51 -0.95 -11.89 -4.30
C CYS F 51 -1.45 -13.20 -4.88
N ALA F 52 -1.61 -13.25 -6.19
CA ALA F 52 -2.09 -14.45 -6.87
C ALA F 52 -1.28 -14.74 -8.13
N ASP F 53 -1.12 -16.02 -8.44
CA ASP F 53 -0.31 -16.45 -9.58
C ASP F 53 -1.05 -16.25 -10.90
N PRO F 54 -0.52 -15.37 -11.77
CA PRO F 54 -1.13 -15.04 -13.07
C PRO F 54 -1.25 -16.24 -14.01
N SER F 55 -0.53 -17.32 -13.71
CA SER F 55 -0.56 -18.50 -14.57
C SER F 55 -1.74 -19.40 -14.26
N GLU F 56 -2.26 -19.33 -13.03
CA GLU F 56 -3.41 -20.14 -12.63
C GLU F 56 -4.67 -19.65 -13.34
N GLU F 57 -5.51 -20.61 -13.75
CA GLU F 57 -6.66 -20.31 -14.58
C GLU F 57 -7.73 -19.47 -13.87
N TRP F 58 -7.94 -19.74 -12.58
CA TRP F 58 -8.96 -19.01 -11.83
C TRP F 58 -8.55 -17.55 -11.67
N VAL F 59 -7.25 -17.30 -11.61
CA VAL F 59 -6.74 -15.93 -11.56
C VAL F 59 -7.02 -15.21 -12.86
N GLN F 60 -6.77 -15.89 -13.98
CA GLN F 60 -7.02 -15.31 -15.29
C GLN F 60 -8.51 -15.08 -15.52
N LYS F 61 -9.33 -16.00 -15.03
CA LYS F 61 -10.78 -15.88 -15.16
C LYS F 61 -11.32 -14.69 -14.37
N TYR F 62 -10.83 -14.54 -13.14
CA TYR F 62 -11.28 -13.45 -12.27
C TYR F 62 -10.95 -12.09 -12.85
N VAL F 63 -9.73 -11.95 -13.38
CA VAL F 63 -9.31 -10.71 -14.02
C VAL F 63 -10.21 -10.40 -15.22
N SER F 64 -10.46 -11.42 -16.02
CA SER F 64 -11.32 -11.28 -17.20
C SER F 64 -12.73 -10.86 -16.81
N ASP F 65 -13.30 -11.54 -15.81
CA ASP F 65 -14.64 -11.23 -15.34
C ASP F 65 -14.77 -9.80 -14.83
N LEU F 66 -13.72 -9.32 -14.16
CA LEU F 66 -13.72 -7.96 -13.64
C LEU F 66 -13.73 -6.92 -14.75
N GLU F 67 -12.99 -7.19 -15.82
CA GLU F 67 -12.90 -6.25 -16.92
C GLU F 67 -14.16 -6.27 -17.79
N LEU F 68 -14.71 -7.46 -18.00
CA LEU F 68 -15.86 -7.61 -18.89
C LEU F 68 -17.18 -7.29 -18.21
N SER F 69 -17.14 -7.04 -16.90
CA SER F 69 -18.33 -6.66 -16.17
C SER F 69 -18.26 -5.20 -15.73
N ALA F 70 -17.23 -4.51 -16.19
CA ALA F 70 -17.01 -3.11 -15.84
C ALA F 70 -17.83 -2.19 -16.74
N ALA G 1 11.97 -8.02 -14.37
CA ALA G 1 12.64 -8.15 -15.66
C ALA G 1 13.06 -6.79 -16.22
N SER G 2 12.08 -5.90 -16.37
CA SER G 2 12.35 -4.57 -16.92
C SER G 2 12.79 -3.60 -15.83
N LEU G 3 13.29 -2.44 -16.25
CA LEU G 3 13.79 -1.44 -15.31
C LEU G 3 12.68 -0.47 -14.89
N ALA G 4 11.82 -0.11 -15.83
CA ALA G 4 10.70 0.78 -15.55
C ALA G 4 9.36 0.09 -15.73
N ALA G 5 8.32 0.60 -15.09
CA ALA G 5 6.98 0.02 -15.17
C ALA G 5 6.20 0.56 -16.37
N ASP G 6 5.14 -0.16 -16.76
CA ASP G 6 4.37 0.20 -17.95
C ASP G 6 3.11 0.99 -17.63
N THR G 7 3.12 1.69 -16.51
CA THR G 7 2.03 2.60 -16.15
C THR G 7 2.44 4.02 -16.55
N PRO G 8 1.51 4.79 -17.13
CA PRO G 8 1.84 6.18 -17.48
C PRO G 8 2.19 7.02 -16.26
N THR G 9 3.07 8.00 -16.46
CA THR G 9 3.50 8.87 -15.37
C THR G 9 3.17 10.33 -15.68
N ALA G 10 2.79 11.08 -14.65
CA ALA G 10 2.50 12.50 -14.79
C ALA G 10 3.79 13.31 -14.83
N CYS G 11 3.96 14.10 -15.89
CA CYS G 11 5.11 14.98 -16.01
C CYS G 11 4.66 16.40 -16.28
N CYS G 12 5.48 17.36 -15.87
CA CYS G 12 5.17 18.77 -16.10
C CYS G 12 6.02 19.32 -17.24
N PHE G 13 5.37 20.00 -18.19
CA PHE G 13 6.07 20.61 -19.31
C PHE G 13 5.93 22.12 -19.28
N SER G 14 4.85 22.61 -18.68
CA SER G 14 4.66 24.03 -18.46
C SER G 14 4.09 24.26 -17.07
N TYR G 15 4.58 25.29 -16.39
CA TYR G 15 4.13 25.59 -15.04
C TYR G 15 3.17 26.77 -15.03
N THR G 16 2.42 26.92 -13.95
CA THR G 16 1.58 28.10 -13.79
C THR G 16 2.47 29.32 -13.57
N SER G 17 2.08 30.44 -14.17
CA SER G 17 2.91 31.64 -14.14
C SER G 17 2.79 32.39 -12.82
N ARG G 18 1.59 32.42 -12.26
CA ARG G 18 1.33 33.16 -11.03
C ARG G 18 1.14 32.23 -9.83
N GLN G 19 1.42 32.75 -8.64
CA GLN G 19 1.30 31.98 -7.41
C GLN G 19 -0.16 31.72 -7.06
N ILE G 20 -0.50 30.46 -6.85
CA ILE G 20 -1.84 30.07 -6.43
C ILE G 20 -2.07 30.49 -4.99
N PRO G 21 -3.24 31.13 -4.71
CA PRO G 21 -3.63 31.44 -3.34
C PRO G 21 -3.57 30.20 -2.46
N GLN G 22 -2.78 30.25 -1.39
CA GLN G 22 -2.44 29.07 -0.61
C GLN G 22 -3.66 28.36 -0.02
N ASN G 23 -4.73 29.10 0.23
CA ASN G 23 -5.94 28.50 0.79
C ASN G 23 -6.74 27.73 -0.25
N PHE G 24 -6.23 27.66 -1.47
CA PHE G 24 -6.84 26.84 -2.52
C PHE G 24 -6.19 25.47 -2.59
N ILE G 25 -4.97 25.38 -2.07
CA ILE G 25 -4.18 24.15 -2.15
C ILE G 25 -4.68 23.10 -1.17
N ALA G 26 -4.95 21.90 -1.69
CA ALA G 26 -5.42 20.80 -0.85
C ALA G 26 -4.32 19.78 -0.61
N ASP G 27 -3.43 19.63 -1.59
CA ASP G 27 -2.34 18.65 -1.48
C ASP G 27 -1.28 18.90 -2.55
N TYR G 28 -0.17 18.16 -2.45
CA TYR G 28 0.91 18.27 -3.44
C TYR G 28 1.46 16.89 -3.81
N PHE G 29 2.07 16.81 -5.00
CA PHE G 29 2.76 15.60 -5.42
C PHE G 29 4.02 15.98 -6.19
N GLU G 30 5.09 15.22 -5.97
CA GLU G 30 6.33 15.42 -6.72
C GLU G 30 6.32 14.54 -7.95
N THR G 31 6.62 15.12 -9.11
CA THR G 31 6.63 14.33 -10.36
C THR G 31 7.84 13.41 -10.38
N SER G 32 7.69 12.28 -11.09
CA SER G 32 8.74 11.27 -11.16
C SER G 32 10.07 11.82 -11.65
N SER G 33 11.15 11.20 -11.19
CA SER G 33 12.50 11.58 -11.60
C SER G 33 12.77 11.20 -13.05
N GLN G 34 11.87 10.41 -13.63
CA GLN G 34 11.97 10.01 -15.03
C GLN G 34 11.67 11.18 -15.96
N CYS G 35 10.89 12.14 -15.47
CA CYS G 35 10.47 13.28 -16.27
C CYS G 35 11.66 14.14 -16.68
N SER G 36 11.57 14.72 -17.88
CA SER G 36 12.64 15.55 -18.41
C SER G 36 12.83 16.81 -17.56
N LYS G 37 11.72 17.38 -17.09
CA LYS G 37 11.76 18.58 -16.28
C LYS G 37 11.24 18.29 -14.87
N PRO G 38 11.85 18.94 -13.86
CA PRO G 38 11.36 18.79 -12.48
C PRO G 38 10.00 19.45 -12.34
N GLY G 39 9.16 18.93 -11.45
CA GLY G 39 7.82 19.48 -11.30
C GLY G 39 7.08 19.08 -10.04
N VAL G 40 6.36 20.05 -9.48
CA VAL G 40 5.46 19.80 -8.37
C VAL G 40 4.03 19.95 -8.88
N ILE G 41 3.20 18.95 -8.62
CA ILE G 41 1.79 19.04 -8.97
C ILE G 41 0.97 19.42 -7.74
N PHE G 42 0.32 20.57 -7.80
CA PHE G 42 -0.56 21.00 -6.72
C PHE G 42 -1.99 20.58 -7.00
N LEU G 43 -2.62 19.98 -5.99
CA LEU G 43 -4.02 19.61 -6.09
C LEU G 43 -4.88 20.62 -5.35
N THR G 44 -5.69 21.38 -6.09
CA THR G 44 -6.55 22.39 -5.48
C THR G 44 -7.72 21.71 -4.76
N LYS G 45 -8.45 22.49 -3.97
CA LYS G 45 -9.59 21.97 -3.22
C LYS G 45 -10.74 21.64 -4.16
N ARG G 46 -10.72 22.25 -5.35
CA ARG G 46 -11.70 21.94 -6.38
C ARG G 46 -11.19 20.78 -7.25
N SER G 47 -10.17 20.09 -6.74
CA SER G 47 -9.61 18.88 -7.35
C SER G 47 -8.94 19.12 -8.70
N ARG G 48 -8.44 20.33 -8.92
CA ARG G 48 -7.64 20.62 -10.11
C ARG G 48 -6.18 20.25 -9.87
N GLN G 49 -5.50 19.78 -10.92
CA GLN G 49 -4.07 19.54 -10.84
C GLN G 49 -3.31 20.62 -11.60
N VAL G 50 -2.42 21.33 -10.89
CA VAL G 50 -1.66 22.41 -11.50
C VAL G 50 -0.16 22.17 -11.37
N CYS G 51 0.55 22.28 -12.49
CA CYS G 51 2.00 22.12 -12.49
C CYS G 51 2.68 23.39 -11.98
N ALA G 52 3.67 23.21 -11.12
CA ALA G 52 4.38 24.33 -10.51
C ALA G 52 5.89 24.12 -10.55
N ASP G 53 6.63 25.20 -10.75
CA ASP G 53 8.08 25.15 -10.84
C ASP G 53 8.70 25.09 -9.44
N PRO G 54 9.34 23.95 -9.11
CA PRO G 54 9.92 23.74 -7.78
C PRO G 54 11.09 24.68 -7.47
N SER G 55 11.57 25.41 -8.47
CA SER G 55 12.64 26.37 -8.27
C SER G 55 12.13 27.67 -7.67
N GLU G 56 10.82 27.89 -7.77
CA GLU G 56 10.20 29.09 -7.21
C GLU G 56 9.95 28.92 -5.71
N GLU G 57 10.17 29.99 -4.97
CA GLU G 57 10.13 29.93 -3.50
C GLU G 57 8.74 29.63 -2.95
N TRP G 58 7.70 30.15 -3.59
CA TRP G 58 6.35 29.94 -3.10
C TRP G 58 5.94 28.48 -3.25
N VAL G 59 6.52 27.80 -4.24
CA VAL G 59 6.27 26.38 -4.43
C VAL G 59 6.93 25.59 -3.31
N GLN G 60 8.17 25.96 -2.99
CA GLN G 60 8.90 25.31 -1.90
C GLN G 60 8.24 25.58 -0.56
N LYS G 61 7.73 26.80 -0.37
CA LYS G 61 7.04 27.16 0.86
C LYS G 61 5.76 26.35 1.04
N TYR G 62 4.98 26.22 -0.04
CA TYR G 62 3.72 25.49 0.00
C TYR G 62 3.92 24.02 0.35
N VAL G 63 4.92 23.40 -0.26
CA VAL G 63 5.23 21.99 0.00
C VAL G 63 5.63 21.80 1.46
N SER G 64 6.52 22.66 1.94
CA SER G 64 6.97 22.64 3.32
C SER G 64 5.79 22.78 4.29
N ASP G 65 4.90 23.74 4.00
CA ASP G 65 3.74 23.97 4.85
C ASP G 65 2.80 22.77 4.86
N LEU G 66 2.66 22.10 3.71
CA LEU G 66 1.80 20.92 3.63
C LEU G 66 2.37 19.76 4.44
N GLU G 67 3.69 19.62 4.41
CA GLU G 67 4.36 18.57 5.17
C GLU G 67 4.32 18.85 6.67
N LEU G 68 4.59 20.10 7.04
CA LEU G 68 4.71 20.47 8.45
C LEU G 68 3.36 20.75 9.10
N SER G 69 2.28 20.56 8.37
CA SER G 69 0.93 20.76 8.92
C SER G 69 0.11 19.50 8.79
N ALA G 70 0.76 18.39 8.44
CA ALA G 70 0.07 17.12 8.27
C ALA G 70 -0.08 16.40 9.61
N LEU H 3 -11.40 24.42 -20.58
CA LEU H 3 -10.69 23.26 -20.07
C LEU H 3 -9.60 23.65 -19.09
N ALA H 4 -9.10 22.67 -18.33
CA ALA H 4 -8.04 22.92 -17.36
C ALA H 4 -6.70 23.11 -18.06
N ALA H 5 -5.90 24.04 -17.55
CA ALA H 5 -4.63 24.37 -18.17
C ALA H 5 -3.45 24.17 -17.22
N ASP H 6 -2.25 24.09 -17.79
CA ASP H 6 -1.02 23.84 -17.04
C ASP H 6 -1.14 22.60 -16.16
N THR H 7 -1.84 21.59 -16.67
CA THR H 7 -2.00 20.32 -15.99
C THR H 7 -0.88 19.37 -16.40
N PRO H 8 -0.55 18.40 -15.54
CA PRO H 8 0.50 17.43 -15.92
C PRO H 8 0.12 16.61 -17.14
N THR H 9 1.13 16.13 -17.86
CA THR H 9 0.89 15.29 -19.04
C THR H 9 1.31 13.86 -18.75
N ALA H 10 0.54 12.91 -19.28
CA ALA H 10 0.87 11.50 -19.11
C ALA H 10 1.97 11.10 -20.08
N CYS H 11 3.02 10.47 -19.55
CA CYS H 11 4.13 10.00 -20.37
C CYS H 11 4.42 8.53 -20.10
N CYS H 12 4.91 7.83 -21.12
CA CYS H 12 5.28 6.43 -20.97
C CYS H 12 6.80 6.29 -20.94
N PHE H 13 7.30 5.48 -20.02
CA PHE H 13 8.74 5.26 -19.91
C PHE H 13 9.06 3.77 -20.04
N SER H 14 8.02 2.96 -20.22
CA SER H 14 8.16 1.54 -20.50
C SER H 14 6.88 1.00 -21.10
N TYR H 15 7.00 0.05 -22.02
CA TYR H 15 5.83 -0.53 -22.68
C TYR H 15 5.52 -1.92 -22.13
N THR H 16 4.24 -2.30 -22.17
CA THR H 16 3.85 -3.64 -21.78
C THR H 16 4.51 -4.67 -22.70
N SER H 17 4.94 -5.78 -22.13
CA SER H 17 5.63 -6.81 -22.89
C SER H 17 4.66 -7.85 -23.43
N ARG H 18 3.46 -7.86 -22.86
CA ARG H 18 2.42 -8.80 -23.29
C ARG H 18 1.25 -8.06 -23.90
N GLN H 19 0.65 -8.66 -24.93
CA GLN H 19 -0.49 -8.05 -25.60
C GLN H 19 -1.75 -8.10 -24.74
N ILE H 20 -2.39 -6.95 -24.57
CA ILE H 20 -3.65 -6.88 -23.83
C ILE H 20 -4.76 -7.50 -24.66
N PRO H 21 -5.56 -8.39 -24.03
CA PRO H 21 -6.77 -8.89 -24.68
C PRO H 21 -7.63 -7.74 -25.19
N GLN H 22 -7.98 -7.76 -26.48
CA GLN H 22 -8.59 -6.60 -27.12
C GLN H 22 -9.93 -6.18 -26.53
N ASN H 23 -10.72 -7.14 -26.06
CA ASN H 23 -12.01 -6.82 -25.48
C ASN H 23 -11.91 -6.40 -24.02
N PHE H 24 -10.68 -6.17 -23.56
CA PHE H 24 -10.45 -5.48 -22.30
C PHE H 24 -10.43 -3.98 -22.55
N ILE H 25 -10.12 -3.62 -23.80
CA ILE H 25 -9.87 -2.23 -24.18
C ILE H 25 -11.15 -1.40 -24.27
N ALA H 26 -11.14 -0.26 -23.59
CA ALA H 26 -12.26 0.67 -23.64
C ALA H 26 -11.91 1.88 -24.52
N ASP H 27 -10.66 2.31 -24.46
CA ASP H 27 -10.21 3.46 -25.24
C ASP H 27 -8.69 3.52 -25.35
N TYR H 28 -8.20 4.45 -26.16
CA TYR H 28 -6.76 4.65 -26.33
C TYR H 28 -6.42 6.14 -26.29
N PHE H 29 -5.17 6.44 -25.99
CA PHE H 29 -4.69 7.83 -26.01
C PHE H 29 -3.25 7.89 -26.47
N GLU H 30 -2.97 8.76 -27.43
CA GLU H 30 -1.61 9.02 -27.86
C GLU H 30 -0.96 10.01 -26.90
N THR H 31 0.24 9.71 -26.43
CA THR H 31 0.93 10.60 -25.49
C THR H 31 1.54 11.80 -26.21
N SER H 32 1.75 12.87 -25.46
CA SER H 32 2.26 14.13 -26.00
C SER H 32 3.62 13.95 -26.67
N SER H 33 3.87 14.79 -27.68
CA SER H 33 5.14 14.79 -28.38
C SER H 33 6.26 15.33 -27.49
N GLN H 34 5.88 15.92 -26.37
CA GLN H 34 6.83 16.47 -25.42
C GLN H 34 7.50 15.38 -24.59
N CYS H 35 6.85 14.22 -24.49
CA CYS H 35 7.41 13.09 -23.77
C CYS H 35 8.67 12.58 -24.46
N SER H 36 9.61 12.08 -23.67
CA SER H 36 10.89 11.61 -24.20
C SER H 36 10.73 10.38 -25.09
N LYS H 37 9.65 9.63 -24.85
CA LYS H 37 9.38 8.43 -25.63
C LYS H 37 8.00 8.49 -26.27
N PRO H 38 7.88 7.95 -27.48
CA PRO H 38 6.55 7.80 -28.09
C PRO H 38 5.75 6.74 -27.33
N GLY H 39 4.43 6.89 -27.28
CA GLY H 39 3.63 5.94 -26.54
C GLY H 39 2.13 6.03 -26.78
N VAL H 40 1.47 4.89 -26.63
CA VAL H 40 0.03 4.82 -26.67
C VAL H 40 -0.49 4.28 -25.34
N ILE H 41 -1.38 5.02 -24.71
CA ILE H 41 -1.96 4.57 -23.45
C ILE H 41 -3.32 3.92 -23.68
N PHE H 42 -3.41 2.62 -23.41
CA PHE H 42 -4.67 1.91 -23.52
C PHE H 42 -5.43 2.00 -22.20
N LEU H 43 -6.72 2.30 -22.29
CA LEU H 43 -7.58 2.36 -21.12
C LEU H 43 -8.51 1.16 -21.11
N THR H 44 -8.37 0.31 -20.09
CA THR H 44 -9.22 -0.87 -19.98
C THR H 44 -10.60 -0.48 -19.47
N LYS H 45 -11.54 -1.41 -19.54
CA LYS H 45 -12.92 -1.14 -19.13
C LYS H 45 -13.01 -0.94 -17.62
N ARG H 46 -12.06 -1.51 -16.87
CA ARG H 46 -12.00 -1.30 -15.44
C ARG H 46 -11.05 -0.14 -15.14
N SER H 47 -10.81 0.68 -16.17
CA SER H 47 -10.06 1.93 -16.07
C SER H 47 -8.59 1.78 -15.70
N ARG H 48 -7.99 0.63 -16.04
CA ARG H 48 -6.53 0.50 -15.94
C ARG H 48 -5.89 1.25 -17.10
N GLN H 49 -4.70 1.79 -16.87
CA GLN H 49 -3.97 2.49 -17.91
C GLN H 49 -2.65 1.79 -18.21
N VAL H 50 -2.48 1.34 -19.45
CA VAL H 50 -1.29 0.59 -19.84
C VAL H 50 -0.55 1.23 -20.99
N CYS H 51 0.75 1.48 -20.80
CA CYS H 51 1.59 2.02 -21.86
C CYS H 51 1.97 0.93 -22.85
N ALA H 52 1.92 1.26 -24.14
CA ALA H 52 2.23 0.30 -25.19
C ALA H 52 3.05 0.94 -26.31
N ASP H 53 3.88 0.12 -26.95
CA ASP H 53 4.74 0.59 -28.04
C ASP H 53 3.92 0.88 -29.29
N PRO H 54 3.91 2.14 -29.74
CA PRO H 54 3.14 2.55 -30.92
C PRO H 54 3.63 1.92 -32.22
N SER H 55 4.82 1.32 -32.21
CA SER H 55 5.34 0.68 -33.41
C SER H 55 4.96 -0.80 -33.47
N GLU H 56 4.40 -1.31 -32.38
CA GLU H 56 3.90 -2.68 -32.34
C GLU H 56 2.66 -2.81 -33.21
N GLU H 57 2.61 -3.87 -34.02
CA GLU H 57 1.50 -4.08 -34.94
C GLU H 57 0.16 -4.25 -34.22
N TRP H 58 0.17 -4.95 -33.08
CA TRP H 58 -1.07 -5.19 -32.35
C TRP H 58 -1.60 -3.89 -31.76
N VAL H 59 -0.70 -2.98 -31.40
CA VAL H 59 -1.10 -1.68 -30.89
C VAL H 59 -1.73 -0.84 -32.00
N GLN H 60 -1.09 -0.85 -33.17
CA GLN H 60 -1.59 -0.10 -34.31
C GLN H 60 -2.96 -0.63 -34.77
N LYS H 61 -3.16 -1.93 -34.64
CA LYS H 61 -4.45 -2.54 -34.98
C LYS H 61 -5.55 -2.09 -34.03
N TYR H 62 -5.26 -2.14 -32.73
CA TYR H 62 -6.22 -1.76 -31.71
C TYR H 62 -6.64 -0.31 -31.86
N VAL H 63 -5.67 0.56 -32.12
CA VAL H 63 -5.94 1.98 -32.31
C VAL H 63 -6.83 2.20 -33.53
N SER H 64 -6.48 1.52 -34.63
CA SER H 64 -7.27 1.61 -35.84
C SER H 64 -8.70 1.14 -35.62
N ASP H 65 -8.85 0.01 -34.93
CA ASP H 65 -10.16 -0.53 -34.62
C ASP H 65 -11.01 0.46 -33.81
N LEU H 66 -10.38 1.12 -32.84
CA LEU H 66 -11.08 2.08 -32.01
C LEU H 66 -11.51 3.32 -32.80
N GLU H 67 -10.64 3.79 -33.68
CA GLU H 67 -10.93 4.99 -34.47
C GLU H 67 -12.02 4.75 -35.52
N LEU H 68 -11.98 3.58 -36.15
CA LEU H 68 -12.89 3.29 -37.26
C LEU H 68 -14.22 2.71 -36.82
N SER H 69 -14.35 2.39 -35.53
CA SER H 69 -15.60 1.87 -35.00
C SER H 69 -16.36 2.95 -34.23
N ALA H 70 -15.79 4.14 -34.18
CA ALA H 70 -16.41 5.26 -33.48
C ALA H 70 -17.66 5.75 -34.20
N SER I 2 -3.33 9.18 -19.65
CA SER I 2 -4.68 9.49 -19.15
C SER I 2 -5.55 10.09 -20.24
N LEU I 3 -5.60 11.41 -20.31
CA LEU I 3 -6.45 12.10 -21.28
C LEU I 3 -5.62 12.54 -22.49
N ALA I 4 -6.31 12.87 -23.57
CA ALA I 4 -5.69 13.28 -24.83
C ALA I 4 -4.59 14.33 -24.66
N ALA I 5 -3.61 14.30 -25.55
CA ALA I 5 -2.47 15.21 -25.50
C ALA I 5 -2.25 15.91 -26.83
N ASP I 6 -1.34 16.88 -26.84
CA ASP I 6 -1.10 17.73 -28.01
C ASP I 6 -2.41 18.33 -28.52
N THR I 7 -3.29 18.66 -27.58
CA THR I 7 -4.58 19.26 -27.89
C THR I 7 -4.48 20.78 -27.81
N PRO I 8 -5.39 21.49 -28.51
CA PRO I 8 -5.38 22.96 -28.44
C PRO I 8 -5.60 23.49 -27.04
N THR I 9 -5.19 24.74 -26.82
CA THR I 9 -5.33 25.37 -25.52
C THR I 9 -6.21 26.62 -25.62
N ALA I 10 -7.12 26.78 -24.67
CA ALA I 10 -7.98 27.95 -24.63
C ALA I 10 -7.21 29.18 -24.16
N CYS I 11 -7.29 30.26 -24.94
CA CYS I 11 -6.62 31.49 -24.58
C CYS I 11 -7.55 32.69 -24.69
N CYS I 12 -7.35 33.68 -23.82
CA CYS I 12 -8.14 34.89 -23.85
C CYS I 12 -7.35 36.05 -24.45
N PHE I 13 -8.00 36.84 -25.30
CA PHE I 13 -7.35 37.98 -25.91
C PHE I 13 -8.09 39.27 -25.58
N SER I 14 -9.19 39.14 -24.85
CA SER I 14 -9.95 40.29 -24.37
C SER I 14 -10.81 39.88 -23.17
N TYR I 15 -11.05 40.82 -22.27
CA TYR I 15 -11.83 40.53 -21.07
C TYR I 15 -13.21 41.18 -21.15
N THR I 16 -14.18 40.59 -20.45
CA THR I 16 -15.52 41.17 -20.39
C THR I 16 -15.47 42.47 -19.62
N SER I 17 -16.08 43.51 -20.18
CA SER I 17 -16.06 44.84 -19.57
C SER I 17 -17.08 44.94 -18.44
N ARG I 18 -18.04 44.01 -18.43
CA ARG I 18 -19.11 44.03 -17.45
C ARG I 18 -19.06 42.80 -16.55
N GLN I 19 -19.31 43.00 -15.26
CA GLN I 19 -19.32 41.91 -14.30
C GLN I 19 -20.46 40.92 -14.57
N ILE I 20 -20.13 39.64 -14.59
CA ILE I 20 -21.12 38.60 -14.79
C ILE I 20 -21.88 38.32 -13.50
N PRO I 21 -23.22 38.27 -13.57
CA PRO I 21 -24.04 37.88 -12.42
C PRO I 21 -23.58 36.53 -11.85
N GLN I 22 -23.26 36.50 -10.57
CA GLN I 22 -22.59 35.34 -9.97
C GLN I 22 -23.44 34.07 -10.01
N ASN I 23 -24.76 34.23 -9.99
CA ASN I 23 -25.66 33.08 -10.02
C ASN I 23 -25.72 32.42 -11.39
N PHE I 24 -25.03 33.00 -12.38
CA PHE I 24 -24.93 32.40 -13.71
C PHE I 24 -23.71 31.48 -13.78
N ILE I 25 -22.77 31.69 -12.87
CA ILE I 25 -21.49 30.98 -12.91
C ILE I 25 -21.60 29.53 -12.48
N ALA I 26 -21.09 28.63 -13.32
CA ALA I 26 -21.08 27.20 -13.02
C ALA I 26 -19.67 26.73 -12.61
N ASP I 27 -18.66 27.32 -13.24
CA ASP I 27 -17.27 26.96 -12.94
C ASP I 27 -16.30 28.03 -13.45
N TYR I 28 -15.03 27.87 -13.12
CA TYR I 28 -13.99 28.78 -13.60
C TYR I 28 -12.80 27.98 -14.13
N PHE I 29 -12.01 28.60 -14.99
CA PHE I 29 -10.79 27.98 -15.50
C PHE I 29 -9.68 29.01 -15.71
N GLU I 30 -8.52 28.72 -15.15
CA GLU I 30 -7.34 29.54 -15.38
C GLU I 30 -6.71 29.16 -16.71
N THR I 31 -6.45 30.15 -17.56
CA THR I 31 -5.83 29.91 -18.85
C THR I 31 -4.35 29.57 -18.70
N SER I 32 -3.81 28.87 -19.69
CA SER I 32 -2.41 28.43 -19.65
C SER I 32 -1.44 29.60 -19.60
N SER I 33 -0.29 29.35 -18.98
CA SER I 33 0.77 30.35 -18.89
C SER I 33 1.46 30.55 -20.24
N GLN I 34 1.08 29.73 -21.21
CA GLN I 34 1.64 29.82 -22.56
C GLN I 34 0.88 30.85 -23.40
N CYS I 35 -0.32 31.21 -22.94
CA CYS I 35 -1.10 32.23 -23.63
C CYS I 35 -0.43 33.59 -23.50
N SER I 36 -0.62 34.45 -24.48
CA SER I 36 0.01 35.77 -24.49
C SER I 36 -0.52 36.64 -23.35
N LYS I 37 -1.77 36.45 -22.99
CA LYS I 37 -2.38 37.19 -21.89
C LYS I 37 -2.86 36.26 -20.79
N PRO I 38 -2.75 36.71 -19.53
CA PRO I 38 -3.34 35.95 -18.43
C PRO I 38 -4.86 36.03 -18.51
N GLY I 39 -5.57 35.05 -17.94
CA GLY I 39 -7.00 35.07 -18.04
C GLY I 39 -7.72 34.00 -17.23
N VAL I 40 -8.93 34.35 -16.78
CA VAL I 40 -9.81 33.39 -16.15
C VAL I 40 -11.03 33.20 -17.03
N ILE I 41 -11.30 31.96 -17.42
CA ILE I 41 -12.49 31.65 -18.20
C ILE I 41 -13.61 31.22 -17.25
N PHE I 42 -14.72 31.97 -17.28
CA PHE I 42 -15.89 31.58 -16.51
C PHE I 42 -16.85 30.79 -17.37
N LEU I 43 -17.33 29.68 -16.84
CA LEU I 43 -18.29 28.84 -17.54
C LEU I 43 -19.67 29.01 -16.91
N THR I 44 -20.62 29.56 -17.68
CA THR I 44 -21.97 29.74 -17.17
C THR I 44 -22.71 28.40 -17.16
N LYS I 45 -23.90 28.41 -16.58
CA LYS I 45 -24.68 27.18 -16.43
C LYS I 45 -25.20 26.69 -17.77
N ARG I 46 -25.33 27.59 -18.74
CA ARG I 46 -25.68 27.22 -20.10
C ARG I 46 -24.44 27.04 -20.95
N SER I 47 -23.32 26.81 -20.28
CA SER I 47 -22.03 26.53 -20.92
C SER I 47 -21.51 27.66 -21.82
N ARG I 48 -21.88 28.90 -21.50
CA ARG I 48 -21.27 30.05 -22.15
C ARG I 48 -19.89 30.28 -21.53
N GLN I 49 -18.91 30.60 -22.38
CA GLN I 49 -17.55 30.82 -21.90
C GLN I 49 -17.15 32.30 -22.06
N VAL I 50 -16.75 32.90 -20.94
CA VAL I 50 -16.39 34.32 -20.93
C VAL I 50 -15.02 34.54 -20.32
N CYS I 51 -14.19 35.34 -20.99
CA CYS I 51 -12.87 35.68 -20.47
C CYS I 51 -12.96 36.89 -19.54
N ALA I 52 -12.29 36.79 -18.39
CA ALA I 52 -12.33 37.86 -17.39
C ALA I 52 -10.94 38.19 -16.87
N ASP I 53 -10.73 39.46 -16.51
CA ASP I 53 -9.45 39.94 -16.01
C ASP I 53 -9.17 39.41 -14.61
N PRO I 54 -8.12 38.59 -14.46
CA PRO I 54 -7.74 37.98 -13.18
C PRO I 54 -7.38 39.00 -12.10
N SER I 55 -7.09 40.24 -12.49
CA SER I 55 -6.69 41.26 -11.54
C SER I 55 -7.89 41.99 -10.95
N GLU I 56 -9.04 41.87 -11.60
CA GLU I 56 -10.27 42.50 -11.11
C GLU I 56 -10.78 41.80 -9.86
N GLU I 57 -11.34 42.58 -8.93
CA GLU I 57 -11.73 42.07 -7.63
C GLU I 57 -12.87 41.05 -7.70
N TRP I 58 -13.90 41.35 -8.50
CA TRP I 58 -15.05 40.46 -8.58
C TRP I 58 -14.68 39.11 -9.20
N VAL I 59 -13.69 39.13 -10.09
CA VAL I 59 -13.19 37.90 -10.68
C VAL I 59 -12.53 37.03 -9.63
N GLN I 60 -11.70 37.65 -8.79
CA GLN I 60 -10.99 36.94 -7.75
C GLN I 60 -11.95 36.38 -6.70
N LYS I 61 -12.96 37.16 -6.35
CA LYS I 61 -14.00 36.72 -5.43
C LYS I 61 -14.72 35.49 -5.97
N TYR I 62 -15.11 35.54 -7.24
CA TYR I 62 -15.80 34.43 -7.89
C TYR I 62 -14.97 33.16 -7.85
N VAL I 63 -13.70 33.29 -8.20
CA VAL I 63 -12.78 32.15 -8.22
C VAL I 63 -12.63 31.56 -6.83
N SER I 64 -12.50 32.43 -5.82
CA SER I 64 -12.37 31.99 -4.45
C SER I 64 -13.60 31.25 -3.96
N ASP I 65 -14.77 31.81 -4.22
CA ASP I 65 -16.03 31.20 -3.82
C ASP I 65 -16.21 29.81 -4.43
N LEU I 66 -15.71 29.64 -5.63
CA LEU I 66 -15.79 28.35 -6.32
C LEU I 66 -14.83 27.32 -5.72
N GLU I 67 -13.62 27.77 -5.39
CA GLU I 67 -12.61 26.89 -4.82
C GLU I 67 -12.93 26.51 -3.37
N LEU I 68 -13.27 27.50 -2.56
CA LEU I 68 -13.48 27.29 -1.13
C LEU I 68 -14.80 26.58 -0.83
N SER I 69 -15.69 26.51 -1.81
CA SER I 69 -16.96 25.80 -1.64
C SER I 69 -16.95 24.49 -2.42
N ALA I 70 -15.79 23.86 -2.49
CA ALA I 70 -15.65 22.59 -3.21
C ALA I 70 -14.76 21.62 -2.44
N ALA J 1 -16.45 48.31 -30.33
CA ALA J 1 -15.91 48.88 -29.09
C ALA J 1 -14.53 48.31 -28.80
N SER J 2 -14.44 46.99 -28.71
CA SER J 2 -13.18 46.32 -28.41
C SER J 2 -12.50 45.83 -29.68
N LEU J 3 -11.21 45.52 -29.58
CA LEU J 3 -10.45 45.02 -30.71
C LEU J 3 -10.73 43.54 -30.94
N ALA J 4 -10.74 42.77 -29.86
CA ALA J 4 -11.03 41.35 -29.92
C ALA J 4 -12.23 41.00 -29.04
N ALA J 5 -12.83 39.84 -29.32
CA ALA J 5 -13.97 39.37 -28.53
C ALA J 5 -13.49 38.84 -27.19
N ASP J 6 -14.39 38.75 -26.21
CA ASP J 6 -14.04 38.30 -24.87
C ASP J 6 -14.36 36.82 -24.65
N THR J 7 -14.55 36.08 -25.73
CA THR J 7 -14.73 34.64 -25.64
C THR J 7 -13.41 33.95 -25.94
N PRO J 8 -13.13 32.83 -25.24
CA PRO J 8 -11.85 32.13 -25.45
C PRO J 8 -11.74 31.52 -26.84
N THR J 9 -10.51 31.35 -27.31
CA THR J 9 -10.28 30.70 -28.60
C THR J 9 -9.12 29.72 -28.51
N ALA J 10 -9.19 28.67 -29.32
CA ALA J 10 -8.22 27.57 -29.24
C ALA J 10 -6.89 27.93 -29.91
N CYS J 11 -5.81 27.64 -29.21
CA CYS J 11 -4.46 27.87 -29.74
C CYS J 11 -3.61 26.61 -29.59
N CYS J 12 -2.64 26.46 -30.49
CA CYS J 12 -1.72 25.33 -30.42
C CYS J 12 -0.33 25.78 -30.00
N PHE J 13 0.28 25.04 -29.09
CA PHE J 13 1.63 25.36 -28.62
C PHE J 13 2.56 24.18 -28.83
N SER J 14 1.99 22.99 -28.93
CA SER J 14 2.76 21.79 -29.22
C SER J 14 2.03 20.94 -30.26
N TYR J 15 2.77 20.46 -31.24
CA TYR J 15 2.18 19.67 -32.32
C TYR J 15 2.48 18.19 -32.14
N THR J 16 1.64 17.34 -32.72
CA THR J 16 1.94 15.91 -32.77
C THR J 16 3.19 15.71 -33.61
N SER J 17 4.04 14.77 -33.22
CA SER J 17 5.30 14.57 -33.90
C SER J 17 5.21 13.52 -35.00
N ARG J 18 4.21 12.64 -34.90
CA ARG J 18 3.99 11.62 -35.92
C ARG J 18 2.79 11.94 -36.78
N GLN J 19 2.90 11.59 -38.07
CA GLN J 19 1.82 11.80 -39.00
C GLN J 19 0.63 10.89 -38.72
N ILE J 20 -0.53 11.48 -38.48
CA ILE J 20 -1.74 10.74 -38.23
C ILE J 20 -2.18 9.97 -39.47
N PRO J 21 -2.52 8.69 -39.31
CA PRO J 21 -3.12 7.92 -40.41
C PRO J 21 -4.34 8.65 -40.98
N GLN J 22 -4.30 8.97 -42.27
CA GLN J 22 -5.28 9.87 -42.87
C GLN J 22 -6.72 9.39 -42.71
N ASN J 23 -6.92 8.08 -42.65
CA ASN J 23 -8.27 7.55 -42.50
C ASN J 23 -8.79 7.67 -41.06
N PHE J 24 -8.08 8.41 -40.23
CA PHE J 24 -8.54 8.74 -38.88
C PHE J 24 -9.13 10.14 -38.87
N ILE J 25 -8.73 10.95 -39.85
CA ILE J 25 -9.13 12.35 -39.90
C ILE J 25 -10.59 12.52 -40.31
N ALA J 26 -11.35 13.27 -39.52
CA ALA J 26 -12.74 13.52 -39.81
C ALA J 26 -12.96 14.94 -40.29
N ASP J 27 -12.16 15.87 -39.77
CA ASP J 27 -12.28 17.28 -40.11
C ASP J 27 -11.03 18.06 -39.73
N TYR J 28 -10.96 19.31 -40.16
CA TYR J 28 -9.85 20.20 -39.81
C TYR J 28 -10.34 21.59 -39.44
N PHE J 29 -9.58 22.28 -38.61
CA PHE J 29 -9.87 23.67 -38.27
C PHE J 29 -8.57 24.45 -38.14
N GLU J 30 -8.56 25.67 -38.67
CA GLU J 30 -7.41 26.56 -38.51
C GLU J 30 -7.56 27.30 -37.19
N THR J 31 -6.45 27.45 -36.47
CA THR J 31 -6.46 28.22 -35.23
C THR J 31 -6.44 29.72 -35.56
N SER J 32 -6.97 30.52 -34.63
CA SER J 32 -7.02 31.97 -34.82
C SER J 32 -5.63 32.55 -35.06
N SER J 33 -5.58 33.61 -35.87
CA SER J 33 -4.32 34.28 -36.16
C SER J 33 -3.84 35.07 -34.93
N GLN J 34 -4.70 35.13 -33.92
CA GLN J 34 -4.34 35.76 -32.65
C GLN J 34 -3.28 34.94 -31.91
N CYS J 35 -3.27 33.64 -32.16
CA CYS J 35 -2.34 32.73 -31.50
C CYS J 35 -0.89 33.04 -31.87
N SER J 36 0.01 32.80 -30.93
CA SER J 36 1.43 33.06 -31.13
C SER J 36 2.00 32.17 -32.23
N LYS J 37 1.69 30.87 -32.15
CA LYS J 37 2.16 29.91 -33.14
C LYS J 37 1.06 29.58 -34.13
N PRO J 38 1.42 29.31 -35.39
CA PRO J 38 0.45 28.81 -36.36
C PRO J 38 0.04 27.39 -36.00
N GLY J 39 -1.16 26.98 -36.36
CA GLY J 39 -1.62 25.65 -36.02
C GLY J 39 -2.88 25.22 -36.74
N VAL J 40 -2.92 23.93 -37.10
CA VAL J 40 -4.12 23.32 -37.63
C VAL J 40 -4.60 22.26 -36.65
N ILE J 41 -5.88 22.35 -36.27
CA ILE J 41 -6.47 21.36 -35.38
C ILE J 41 -7.18 20.28 -36.19
N PHE J 42 -6.66 19.05 -36.13
CA PHE J 42 -7.33 17.94 -36.77
C PHE J 42 -8.33 17.31 -35.81
N LEU J 43 -9.46 16.88 -36.36
CA LEU J 43 -10.48 16.20 -35.58
C LEU J 43 -10.58 14.75 -36.03
N THR J 44 -10.24 13.82 -35.13
CA THR J 44 -10.29 12.41 -35.47
C THR J 44 -11.73 11.91 -35.44
N LYS J 45 -11.92 10.64 -35.79
CA LYS J 45 -13.26 10.07 -35.80
C LYS J 45 -13.74 9.73 -34.39
N ARG J 46 -12.82 9.68 -33.45
CA ARG J 46 -13.18 9.54 -32.03
C ARG J 46 -13.24 10.92 -31.38
N SER J 47 -13.42 11.94 -32.21
CA SER J 47 -13.60 13.32 -31.77
C SER J 47 -12.40 13.87 -31.01
N ARG J 48 -11.22 13.29 -31.23
CA ARG J 48 -9.99 13.82 -30.67
C ARG J 48 -9.56 15.06 -31.44
N GLN J 49 -9.09 16.08 -30.72
CA GLN J 49 -8.55 17.27 -31.36
C GLN J 49 -7.03 17.29 -31.25
N VAL J 50 -6.36 17.24 -32.40
CA VAL J 50 -4.91 17.13 -32.43
C VAL J 50 -4.25 18.32 -33.13
N CYS J 51 -3.37 19.01 -32.42
CA CYS J 51 -2.63 20.12 -33.00
C CYS J 51 -1.58 19.64 -34.00
N ALA J 52 -1.53 20.28 -35.16
CA ALA J 52 -0.58 19.90 -36.20
C ALA J 52 0.14 21.13 -36.75
N ASP J 53 1.42 20.96 -37.07
CA ASP J 53 2.23 22.03 -37.65
C ASP J 53 1.88 22.22 -39.12
N PRO J 54 1.30 23.38 -39.47
CA PRO J 54 0.87 23.64 -40.85
C PRO J 54 2.04 23.77 -41.83
N SER J 55 3.26 23.88 -41.30
CA SER J 55 4.44 23.99 -42.16
C SER J 55 4.91 22.62 -42.62
N GLU J 56 4.30 21.57 -42.09
CA GLU J 56 4.61 20.20 -42.53
C GLU J 56 3.77 19.83 -43.75
N GLU J 57 4.35 19.06 -44.65
CA GLU J 57 3.71 18.75 -45.92
C GLU J 57 2.45 17.90 -45.78
N TRP J 58 2.51 16.88 -44.94
CA TRP J 58 1.39 15.96 -44.78
C TRP J 58 0.18 16.68 -44.21
N VAL J 59 0.42 17.70 -43.40
CA VAL J 59 -0.65 18.52 -42.84
C VAL J 59 -1.35 19.31 -43.94
N GLN J 60 -0.55 19.90 -44.83
CA GLN J 60 -1.09 20.66 -45.95
C GLN J 60 -1.86 19.76 -46.91
N LYS J 61 -1.34 18.55 -47.11
CA LYS J 61 -1.99 17.57 -47.98
C LYS J 61 -3.32 17.12 -47.41
N TYR J 62 -3.34 16.86 -46.10
CA TYR J 62 -4.56 16.41 -45.42
C TYR J 62 -5.67 17.45 -45.49
N VAL J 63 -5.32 18.71 -45.25
CA VAL J 63 -6.27 19.80 -45.32
C VAL J 63 -6.81 19.96 -46.73
N SER J 64 -5.90 19.87 -47.71
CA SER J 64 -6.28 19.95 -49.11
C SER J 64 -7.23 18.82 -49.49
N ASP J 65 -6.90 17.60 -49.09
CA ASP J 65 -7.73 16.44 -49.38
C ASP J 65 -9.10 16.51 -48.73
N LEU J 66 -9.17 17.20 -47.59
CA LEU J 66 -10.43 17.35 -46.89
C LEU J 66 -11.35 18.34 -47.61
N GLU J 67 -10.77 19.36 -48.21
CA GLU J 67 -11.55 20.38 -48.92
C GLU J 67 -11.99 19.89 -50.30
N LEU J 68 -11.11 19.19 -50.99
CA LEU J 68 -11.39 18.72 -52.34
C LEU J 68 -12.24 17.44 -52.34
N SER J 69 -12.79 17.09 -51.18
CA SER J 69 -13.62 15.90 -51.06
C SER J 69 -14.85 16.18 -50.20
N ALA J 70 -15.24 17.45 -50.12
CA ALA J 70 -16.39 17.85 -49.31
C ALA J 70 -17.67 17.82 -50.12
O1 HEZ K . 11.07 -28.47 40.00
C1 HEZ K . 11.40 -29.36 41.05
C2 HEZ K . 12.75 -30.01 40.75
C3 HEZ K . 13.12 -30.94 41.89
C4 HEZ K . 14.32 -31.76 41.49
C5 HEZ K . 13.98 -32.58 40.27
C6 HEZ K . 15.15 -33.48 39.92
O6 HEZ K . 14.77 -34.36 38.89
O1 HEZ L . 8.41 -28.42 41.44
C1 HEZ L . 8.62 -27.04 41.66
C2 HEZ L . 8.65 -26.78 43.15
C3 HEZ L . 8.54 -25.29 43.40
C4 HEZ L . 8.30 -25.02 44.87
C5 HEZ L . 8.52 -23.57 45.17
C6 HEZ L . 9.88 -23.15 44.69
O6 HEZ L . 10.24 -21.91 45.25
O1 HEZ M . -15.21 -17.22 45.16
C1 HEZ M . -14.74 -15.90 45.12
C2 HEZ M . -13.23 -15.89 45.04
C3 HEZ M . -12.74 -14.49 44.81
C4 HEZ M . -11.23 -14.45 44.81
C5 HEZ M . -10.70 -15.30 43.67
C6 HEZ M . -9.29 -14.86 43.34
O6 HEZ M . -8.44 -15.06 44.45
O1 HEZ N . 21.81 -6.10 21.71
C1 HEZ N . 22.35 -5.60 22.91
C2 HEZ N . 21.46 -4.49 23.45
C3 HEZ N . 22.00 -4.04 24.79
C4 HEZ N . 21.08 -3.00 25.39
C5 HEZ N . 19.83 -3.66 25.91
C6 HEZ N . 18.68 -2.67 25.91
O6 HEZ N . 17.53 -3.29 26.44
O1 HEZ O . 17.30 18.73 6.27
C1 HEZ O . 18.69 18.47 6.35
C2 HEZ O . 19.03 18.01 7.75
C3 HEZ O . 20.54 17.88 7.88
C4 HEZ O . 20.95 16.43 7.72
C5 HEZ O . 22.40 16.37 7.29
C6 HEZ O . 22.81 14.91 7.17
O6 HEZ O . 23.89 14.80 6.26
O1 HEZ P . 13.88 16.47 -3.01
C1 HEZ P . 13.06 16.61 -1.87
C2 HEZ P . 11.67 17.01 -2.28
C3 HEZ P . 10.78 17.09 -1.06
C4 HEZ P . 10.44 15.69 -0.59
C5 HEZ P . 9.50 15.04 -1.58
C6 HEZ P . 8.59 14.07 -0.85
O6 HEZ P . 7.48 13.78 -1.67
O1 HEZ Q . 19.76 -0.19 8.56
C1 HEZ Q . 18.64 0.00 9.40
C2 HEZ Q . 17.93 -1.32 9.62
C3 HEZ Q . 16.67 -1.08 10.41
C4 HEZ Q . 15.83 -2.34 10.46
C5 HEZ Q . 14.49 -2.03 11.07
C6 HEZ Q . 13.63 -1.29 10.09
O6 HEZ Q . 13.17 -2.17 9.08
O1 HEZ R . -2.17 -9.04 -20.26
C1 HEZ R . -2.57 -8.22 -19.17
C2 HEZ R . -4.07 -8.05 -19.20
C3 HEZ R . -4.48 -7.08 -18.11
C4 HEZ R . -3.87 -5.72 -18.38
C5 HEZ R . -4.69 -4.65 -17.69
C6 HEZ R . -4.21 -4.48 -16.27
O6 HEZ R . -2.94 -3.88 -16.26
C ACT S . -12.93 -21.33 -12.34
O ACT S . -11.86 -21.93 -12.11
OXT ACT S . -13.30 -21.29 -13.53
CH3 ACT S . -13.73 -20.70 -11.24
O1 HEZ T . -3.27 -12.45 -27.54
C1 HEZ T . -4.03 -11.69 -26.63
C2 HEZ T . -5.51 -11.79 -26.93
C3 HEZ T . -5.78 -11.25 -28.32
C4 HEZ T . -7.05 -10.43 -28.32
C5 HEZ T . -8.19 -11.25 -27.76
C6 HEZ T . -9.41 -10.38 -27.64
O6 HEZ T . -10.08 -10.69 -26.44
O1 HEZ U . -0.80 4.29 -34.46
C1 HEZ U . -1.71 5.26 -34.94
C2 HEZ U . -1.59 6.52 -34.11
C3 HEZ U . -2.76 7.44 -34.40
C4 HEZ U . -2.59 8.73 -33.65
C5 HEZ U . -3.95 9.33 -33.36
C6 HEZ U . -3.78 10.55 -32.48
O6 HEZ U . -4.99 10.81 -31.80
C ACT V . -3.90 14.41 -18.37
O ACT V . -4.14 13.62 -19.31
OXT ACT V . -4.13 15.62 -18.60
CH3 ACT V . -3.34 13.94 -17.06
C ACT W . -18.76 41.75 -6.15
O ACT W . -17.57 41.54 -5.80
OXT ACT W . -18.97 42.78 -6.79
CH3 ACT W . -19.85 40.78 -5.82
#